data_7UY8
#
_entry.id   7UY8
#
_cell.length_a   1.00
_cell.length_b   1.00
_cell.length_c   1.00
_cell.angle_alpha   90.00
_cell.angle_beta   90.00
_cell.angle_gamma   90.00
#
_symmetry.space_group_name_H-M   'P 1'
#
loop_
_entity.id
_entity.type
_entity.pdbx_description
1 polymer 'DNA polymerase alpha subunit B'
2 polymer 'DNA polymerase'
3 polymer 'Eukaryotic-type DNA primase, large subunit'
4 polymer 'DNA primase'
5 non-polymer 'ZINC ION'
#
loop_
_entity_poly.entity_id
_entity_poly.type
_entity_poly.pdbx_seq_one_letter_code
_entity_poly.pdbx_strand_id
1 'polypeptide(L)'
;MEEFEKILEEIDSANLSQNAVQQLKQLIISNGILDDEQLMEKWLFQLEAIIYNSKQKFLEAQLMDFKKNVLNQDIKKPQN
DNFKKIKESEVQKNIDIIKGDADLFTKASSAKKQTSTQQANNAAIDCEEQLRQQLGKESMLDPKRFSYNSNLPQVNFEKN
QHQNSNNMTIVDLFEQYDPNKIPNYLTNNIDKIRKHLEQRILTFKIQNYSQFIVNGEQLINDVSSYSKTEEVKMVGRLIS
TENGFLNTTNLRIELNRNQYFDLVFENDFDFGNNVLFPNQIVMVKGIINEKEELVVSELITDHIKEITDEEHPKIDNLNQ
DESQLIMVAAGPFSTVMSTQYTSFDNILHVAKTKKVSTLILLGPFLDIKNEILKDGSIIINSKEYTFEQLQNSLFEKAVK
ELEGKTQIIIVPSTRDILSTDSIPQMSLEIKVSEHKNSIHSYSNPAYIDIDKLRVYIANSDVGMITLQNSLLDKKIPYMQ
QSRLTFKALMNQQNLYSIYPMRNPQDSQQILETVKLPNINDFDIPFDYQLEQYPHIIISPSSLPKFATKIYNTVVINPNY
VIRDGSQAGNFAIITLFKDSDIPIHERTRVDLYCL
;
B
2 'polypeptide(L)'
;MSDKLTRLERLNKEVKKQNKLKQHSKNNRFDDDMDIEAYEDDEQIEEDDFIDDTQEDKKYKKKYREIEDEFDQEIEEEEE
LNKKKKTKNTILNYTNTTAVTNNKKKAISKQIPDIDIEEIMKLTERKKKIEQEEAQLLQEEQELLEQEKREEEEKKRISQ
EAKSILREDCASSKTANSSKGKVDQNILNAINRDFSDDSNTVDSISEFQKLKSLAQKANLANESLKQSKVSNTEINLTNL
SISQVKKINDYKNEDGSVDAYLYDYFYDAQVKPDKIYAFAKVQNKQTNAFDTCVIQIDTIIRNLFFYPSSDTVTEQQIKN
EIAELLKKEQTSRKNVEFLGAFVDKNYAFELPIPRGKSRWYQVVMSYEYEVISPDTKGQYFSYCVGSTYSALETFLITKK
ITGPSWVRFQNVKDTTSCITNRKLEFRVDYTNQSNIQVLQKQLPTPPLSVVCISLKTSQQIVLSQKKKEYKKEIFNLNMK
YHEGINIDNSNKDELNQFKSISFITHIDPTKKQDSITKKGTLPETTKFCLNELNLLEQFLVHFNEIDPDIVVAHDLYSTV
FEIILTRIREKGIRKWNLLSKLINIGSSDIPKYGSSTFKTKMAMKGRLLVDTLLSSQEFVNCVEYTLEALAQKLFKIEIP
RIDAKAYQQKFATYKLLNSLVDDTYQDIDYALRIMYHLQIVPLTKQLTSICGNIWMGSLQNQRAERNEMLLLHKFNQLNY
VYPDNFKNLPESYKKKHKNAQIRKQYEEDEDQAQGNKNPKKKENKYKGGQVFEPEKGLYNEYIVLLDFNSLYPSIIQEFN
VCFTTCVRDPIPLEMQMAPFLGNKKAAIQYSKNQNTKENKMQDEDEEDNENEQIVQTHDVLPTIEVIKGIAPLPSILQYL
VEQRKVVKNQIKGQKDPQVIETLDIKQKAFKLVANSMYGCLGFSSSRFYAMPLASFITAKGRHILFDSKKIVEDMGYSVI
YGDTDSLMIKPGTNEFLEAVKTGLSIKIKVNSKYKKLQLDIDGVFKNMLLLKKKKYATLKVANWEEVKNTNAPEKLEKEI
KGIDVVRRDWCQLSRDAGNKILEIILESKSSENMLDDIKKYLIQLNDDINQKNIKNSNYYITKRLTKRVDQYGEKNLPHV
AVAQRSIQEKGIDPQTYVNQIISYIICKNEQSSRLVDKAYSPQEFITQSKSLEIDLQYYKRFQLFEPIKRMLEVIEGINL
QEIASILEVHYSVQHVSQNNELNAENVLNLKSKRNQFLTSIPRVLVDCKKCDQTFLFLGILEENADAASILKCKCGNDIY
IQLKNKIALVVKELIRNFEENAIQIDNEEFEYTHQISLVGKAKQQKMSSFTLNQKLLSIQAMFDITKEEQENTQKVTIEK
IKTIKKTLDDLLSKSQYNNLNLSNIFTSFGLLK
;
A
3 'polypeptide(L)'
;MINNKQIQKIQQISKFQLKEYIEMQMQQHSLNKQIKEEERNYILLENAIDNSNIQGFQTIQEIVQLAMQRMKMIKEIIQE
EPRFNLIDPLSKPNYNRIRVANKFITVAIPKSDPEYELKNKQQYAKEVLSHFLCKMAYAFYAEPETWLEFARAEAFILMD
KLKSGQHHANFFSDENLKIKTISDELFKQAFPKIEATFSSIKIKKNDSEVEQINIKKDNFKMFKFIDHPSMLSNNDVVLH
KGYIIIYKESTSKIVQNIFIERLLDEMRLLQLKFQNNGSKLDDDRLSFLKDLHKAEIFNDSTQFNSTQIHHYELDRLAKR
DMPACMTYLMYGLNQKLHLKHFGRLQLGLFLKGAGLSLNEALTFWQKKFSKTSADDFKKKYDYNIRHNYGKLGKQLDYTP
MSCQKIIGFQPLKDEFHGCPYKTMESQQLKDFLKLSYNITDEQFVQVNIFKNQKQYQLACKEVFKVLNDTRDKTKEQFYP
YFDKVGNHPNAYFEQSLRMHEPQRFQKQDEEKKQNKQNRNQNFSANKQSTNKNNQMDLEF
;
D
4 'polypeptide(L)'
;MEIETVEVAPQQEEEFKLDYDLLEEYYRSYFPVSQMVQWLSYPQDGDDTYFTRREFSFTLQNEVYLRYQMYNSEREFKNA
LLQKVPEKIDIGAVYDRPGKKGDDIKAKEKEFVIDIDMTDYDHIRTCCSKAKICEKCWKFMRVACDLISKSLDEDFGFQH
VLWVYSGRRGIHAWVCDKEIRKANDYTRASIIDYLNILVDNSIGSSYVKPSLLKMEKSHLIERNAMKQLNQKNDDLKAEK
ESEKVFVEIVLREQNLFMKKPEIILEFLAKRSENLSKEVEKEWKTLKTSEQRYEALKELVSSEDKKKTHYLLEELRIWLL
YPRLDVNVSKSTNHLLKSPFCIHPKTGNVCVPFTTEEISTFDPFSVPNISTLTTEEGSSKMKNSLKIFNKFLENLKKDV
;
C
#
loop_
_chem_comp.id
_chem_comp.type
_chem_comp.name
_chem_comp.formula
ZN non-polymer 'ZINC ION' 'Zn 2'
#
# COMPACT_ATOMS: atom_id res chain seq x y z
N GLN A 161 3.56 29.23 -62.78
CA GLN A 161 2.61 29.69 -61.79
C GLN A 161 1.73 28.54 -61.31
N HIS A 162 0.88 28.02 -62.20
CA HIS A 162 0.04 26.89 -61.85
C HIS A 162 0.87 25.64 -61.54
N GLN A 163 1.89 25.39 -62.36
CA GLN A 163 2.80 24.28 -62.08
C GLN A 163 3.54 24.50 -60.77
N ASN A 164 3.87 25.75 -60.44
CA ASN A 164 4.53 26.04 -59.18
C ASN A 164 3.67 25.63 -58.00
N SER A 165 2.37 25.94 -58.06
CA SER A 165 1.46 25.49 -57.01
C SER A 165 1.27 23.98 -57.03
N ASN A 166 1.30 23.37 -58.22
CA ASN A 166 1.20 21.92 -58.31
C ASN A 166 2.37 21.23 -57.63
N ASN A 167 3.52 21.89 -57.59
CA ASN A 167 4.73 21.33 -56.99
C ASN A 167 5.02 21.95 -55.62
N MET A 168 3.97 22.21 -54.84
CA MET A 168 4.16 22.82 -53.52
C MET A 168 4.78 21.84 -52.53
N THR A 169 4.06 20.75 -52.23
CA THR A 169 4.53 19.69 -51.35
C THR A 169 4.97 20.23 -49.99
N ILE A 170 3.99 20.76 -49.27
CA ILE A 170 4.22 21.31 -47.94
C ILE A 170 4.30 20.19 -46.91
N VAL A 171 5.10 20.41 -45.86
CA VAL A 171 5.26 19.44 -44.79
C VAL A 171 5.89 20.15 -43.60
N ASP A 172 5.61 19.64 -42.39
CA ASP A 172 6.15 20.16 -41.15
C ASP A 172 7.19 19.17 -40.60
N LEU A 173 7.84 19.60 -39.51
CA LEU A 173 8.88 18.80 -38.85
C LEU A 173 8.64 18.40 -37.39
N PHE A 174 7.78 19.11 -36.65
CA PHE A 174 7.58 18.72 -35.26
C PHE A 174 6.96 17.34 -35.16
N GLU A 175 7.18 16.70 -34.02
CA GLU A 175 6.49 15.47 -33.69
C GLU A 175 5.18 15.84 -32.99
N GLN A 176 4.07 15.48 -33.61
CA GLN A 176 2.76 15.85 -33.10
C GLN A 176 2.26 14.80 -32.12
N TYR A 177 1.72 15.27 -30.99
CA TYR A 177 1.17 14.35 -29.99
C TYR A 177 0.01 13.57 -30.57
N ASP A 178 -0.06 12.30 -30.21
CA ASP A 178 -1.25 11.52 -30.55
C ASP A 178 -2.42 12.04 -29.74
N PRO A 179 -3.54 12.39 -30.37
CA PRO A 179 -4.60 13.12 -29.67
C PRO A 179 -5.23 12.38 -28.51
N ASN A 180 -4.77 11.15 -28.24
CA ASN A 180 -5.34 10.33 -27.17
C ASN A 180 -4.40 10.14 -25.99
N LYS A 181 -3.16 10.62 -26.07
CA LYS A 181 -2.19 10.43 -25.00
C LYS A 181 -1.43 11.72 -24.72
N ILE A 182 -2.17 12.81 -24.55
CA ILE A 182 -1.52 14.06 -24.10
C ILE A 182 -0.94 13.84 -22.70
N PRO A 183 0.35 14.09 -22.49
CA PRO A 183 0.96 13.67 -21.22
C PRO A 183 0.37 14.33 -19.98
N ASN A 184 0.01 15.61 -20.06
CA ASN A 184 -0.43 16.37 -18.90
C ASN A 184 -1.66 17.19 -19.23
N TYR A 185 -2.68 16.53 -19.80
CA TYR A 185 -3.84 17.24 -20.33
C TYR A 185 -4.49 18.11 -19.25
N LEU A 186 -4.73 17.54 -18.07
CA LEU A 186 -5.30 18.32 -16.97
C LEU A 186 -4.40 18.33 -15.74
N THR A 187 -3.88 17.18 -15.33
CA THR A 187 -3.14 17.11 -14.07
C THR A 187 -1.90 17.99 -14.12
N ASN A 188 -1.66 18.71 -13.02
CA ASN A 188 -0.48 19.53 -12.85
C ASN A 188 0.13 19.26 -11.48
N ASN A 189 1.47 19.24 -11.44
CA ASN A 189 2.19 18.95 -10.22
C ASN A 189 3.36 19.91 -10.07
N ILE A 190 3.68 20.24 -8.82
CA ILE A 190 4.77 21.18 -8.57
C ILE A 190 6.12 20.49 -8.63
N ASP A 191 6.22 19.28 -8.07
CA ASP A 191 7.51 18.61 -7.94
C ASP A 191 8.12 18.31 -9.30
N LYS A 192 7.31 17.85 -10.25
CA LYS A 192 7.82 17.54 -11.58
C LYS A 192 8.40 18.78 -12.26
N ILE A 193 7.80 19.94 -12.03
CA ILE A 193 8.37 21.19 -12.53
C ILE A 193 9.77 21.40 -11.96
N ARG A 194 9.92 21.20 -10.66
CA ARG A 194 11.21 21.42 -10.02
C ARG A 194 12.26 20.46 -10.59
N LYS A 195 11.89 19.19 -10.77
CA LYS A 195 12.84 18.23 -11.32
C LYS A 195 13.23 18.59 -12.76
N HIS A 196 12.24 18.98 -13.57
CA HIS A 196 12.53 19.33 -14.96
C HIS A 196 13.44 20.56 -15.04
N LEU A 197 13.18 21.58 -14.22
CA LEU A 197 14.03 22.76 -14.22
C LEU A 197 15.44 22.43 -13.73
N GLU A 198 15.54 21.60 -12.69
CA GLU A 198 16.85 21.22 -12.19
C GLU A 198 17.64 20.42 -13.23
N GLN A 199 16.94 19.67 -14.07
CA GLN A 199 17.62 18.98 -15.17
C GLN A 199 18.07 19.95 -16.24
N ARG A 200 17.20 20.90 -16.63
CA ARG A 200 17.52 21.77 -17.75
C ARG A 200 18.62 22.78 -17.40
N ILE A 201 18.67 23.24 -16.16
CA ILE A 201 19.75 24.15 -15.77
C ILE A 201 21.10 23.45 -15.89
N LEU A 202 21.17 22.19 -15.44
CA LEU A 202 22.40 21.41 -15.59
C LEU A 202 22.73 21.19 -17.05
N THR A 203 21.71 20.95 -17.88
CA THR A 203 21.95 20.77 -19.31
C THR A 203 22.59 22.01 -19.92
N PHE A 204 22.04 23.19 -19.63
CA PHE A 204 22.64 24.42 -20.14
C PHE A 204 24.05 24.61 -19.60
N LYS A 205 24.26 24.37 -18.30
CA LYS A 205 25.58 24.55 -17.72
C LYS A 205 26.62 23.67 -18.40
N ILE A 206 26.26 22.40 -18.65
CA ILE A 206 27.20 21.49 -19.27
C ILE A 206 27.44 21.85 -20.73
N GLN A 207 26.39 22.27 -21.44
CA GLN A 207 26.51 22.38 -22.89
C GLN A 207 27.03 23.73 -23.37
N ASN A 208 26.55 24.85 -22.82
CA ASN A 208 26.76 26.15 -23.45
C ASN A 208 27.72 27.05 -22.70
N TYR A 209 27.47 27.33 -21.42
CA TYR A 209 28.31 28.29 -20.71
C TYR A 209 29.69 27.75 -20.38
N SER A 210 29.88 26.42 -20.42
CA SER A 210 31.16 25.85 -20.01
C SER A 210 32.30 26.26 -20.93
N GLN A 211 31.99 26.56 -22.19
CA GLN A 211 33.03 26.89 -23.15
C GLN A 211 33.70 28.24 -22.90
N PHE A 212 33.13 29.06 -22.02
CA PHE A 212 33.67 30.40 -21.81
C PHE A 212 34.63 30.50 -20.63
N ILE A 213 34.46 29.68 -19.59
CA ILE A 213 35.17 29.86 -18.34
C ILE A 213 35.98 28.61 -18.04
N VAL A 214 37.19 28.82 -17.52
CA VAL A 214 38.02 27.75 -16.98
C VAL A 214 37.96 27.82 -15.46
N ASN A 215 37.78 26.67 -14.83
CA ASN A 215 37.66 26.62 -13.36
C ASN A 215 38.97 26.97 -12.69
N GLU A 230 40.12 35.98 -5.12
CA GLU A 230 38.84 35.36 -4.76
C GLU A 230 37.77 35.69 -5.80
N GLU A 231 37.14 34.65 -6.35
CA GLU A 231 36.08 34.82 -7.32
C GLU A 231 35.18 33.60 -7.28
N VAL A 232 33.97 33.76 -7.80
CA VAL A 232 32.99 32.69 -7.88
C VAL A 232 32.23 32.81 -9.19
N LYS A 233 31.91 31.65 -9.79
CA LYS A 233 31.16 31.61 -11.04
C LYS A 233 30.06 30.57 -10.91
N MET A 234 28.88 30.90 -11.43
CA MET A 234 27.76 29.97 -11.42
C MET A 234 26.77 30.38 -12.49
N VAL A 235 25.91 29.42 -12.86
CA VAL A 235 24.79 29.66 -13.74
C VAL A 235 23.52 29.46 -12.93
N GLY A 236 22.43 30.09 -13.38
CA GLY A 236 21.20 29.98 -12.62
C GLY A 236 20.01 30.56 -13.36
N ARG A 237 18.85 30.41 -12.74
CA ARG A 237 17.59 30.91 -13.24
C ARG A 237 17.22 32.22 -12.55
N LEU A 238 16.59 33.11 -13.30
CA LEU A 238 16.18 34.42 -12.79
C LEU A 238 14.69 34.40 -12.50
N ILE A 239 14.34 34.73 -11.25
CA ILE A 239 12.94 34.85 -10.83
C ILE A 239 12.80 36.12 -10.02
N SER A 240 11.57 36.63 -9.96
CA SER A 240 11.29 37.85 -9.22
C SER A 240 11.22 37.55 -7.74
N THR A 241 11.97 38.33 -6.94
CA THR A 241 11.95 38.14 -5.48
C THR A 241 10.56 38.44 -4.92
N GLU A 242 9.93 39.51 -5.39
CA GLU A 242 8.61 39.91 -4.93
C GLU A 242 7.59 39.69 -6.04
N ASN A 243 6.36 39.39 -5.64
CA ASN A 243 5.30 39.11 -6.60
C ASN A 243 4.98 40.31 -7.48
N GLY A 244 5.38 41.51 -7.07
CA GLY A 244 5.21 42.68 -7.90
C GLY A 244 6.19 42.69 -9.07
N PHE A 245 6.02 43.69 -9.93
CA PHE A 245 6.88 43.81 -11.10
C PHE A 245 8.33 44.02 -10.69
N LEU A 246 9.24 43.43 -11.47
CA LEU A 246 10.65 43.40 -11.10
C LEU A 246 11.28 44.79 -11.19
N ASN A 247 12.21 45.05 -10.28
CA ASN A 247 13.00 46.27 -10.27
C ASN A 247 14.46 45.89 -10.10
N THR A 248 15.37 46.77 -10.57
CA THR A 248 16.79 46.45 -10.60
C THR A 248 17.33 46.00 -9.25
N THR A 249 16.65 46.34 -8.15
CA THR A 249 17.13 45.94 -6.84
C THR A 249 16.61 44.59 -6.37
N ASN A 250 15.66 43.98 -7.08
CA ASN A 250 15.03 42.75 -6.60
C ASN A 250 15.28 41.54 -7.50
N LEU A 251 16.05 41.67 -8.56
CA LEU A 251 16.38 40.50 -9.37
C LEU A 251 17.22 39.53 -8.58
N ARG A 252 16.94 38.24 -8.75
CA ARG A 252 17.54 37.21 -7.90
C ARG A 252 17.91 36.00 -8.74
N ILE A 253 18.96 35.32 -8.31
CA ILE A 253 19.54 34.20 -9.06
C ILE A 253 19.45 32.95 -8.18
N GLU A 254 19.10 31.83 -8.81
CA GLU A 254 18.93 30.58 -8.07
C GLU A 254 19.62 29.45 -8.82
N LEU A 255 20.27 28.57 -8.07
CA LEU A 255 21.08 27.51 -8.65
C LEU A 255 20.44 26.14 -8.56
N ASN A 256 20.12 25.68 -7.36
CA ASN A 256 19.58 24.35 -7.14
C ASN A 256 18.80 24.37 -5.83
N ARG A 257 18.53 23.18 -5.29
CA ARG A 257 17.77 23.09 -4.05
C ARG A 257 18.49 23.76 -2.87
N ASN A 258 19.79 24.00 -2.96
CA ASN A 258 20.56 24.50 -1.82
C ASN A 258 21.14 25.89 -2.01
N GLN A 259 21.94 26.12 -3.06
CA GLN A 259 22.51 27.45 -3.27
C GLN A 259 21.41 28.44 -3.65
N TYR A 260 21.34 29.54 -2.91
CA TYR A 260 20.17 30.42 -2.93
C TYR A 260 20.67 31.80 -2.52
N PHE A 261 20.89 32.66 -3.51
CA PHE A 261 21.70 33.87 -3.34
C PHE A 261 21.02 35.07 -4.00
N ASP A 262 21.72 36.20 -3.98
CA ASP A 262 21.25 37.45 -4.56
C ASP A 262 22.33 38.02 -5.48
N LEU A 263 21.97 39.11 -6.17
CA LEU A 263 22.92 39.83 -7.03
C LEU A 263 22.90 41.31 -6.64
N VAL A 264 24.09 41.90 -6.49
CA VAL A 264 24.22 43.27 -5.98
C VAL A 264 25.13 44.10 -6.87
N PHE A 265 25.15 43.81 -8.17
CA PHE A 265 26.11 44.48 -9.07
C PHE A 265 25.75 45.95 -9.36
N GLU A 266 24.78 46.56 -8.68
CA GLU A 266 24.33 47.90 -9.03
C GLU A 266 25.19 49.01 -8.45
N ASN A 267 26.25 48.67 -7.70
CA ASN A 267 27.07 49.70 -7.06
C ASN A 267 27.72 50.62 -8.08
N ASP A 268 28.27 50.06 -9.15
CA ASP A 268 28.98 50.83 -10.16
C ASP A 268 28.08 51.33 -11.27
N PHE A 269 26.80 50.96 -11.25
CA PHE A 269 25.79 51.37 -12.24
C PHE A 269 26.13 50.90 -13.65
N ASP A 270 27.14 50.04 -13.81
CA ASP A 270 27.49 49.52 -15.12
C ASP A 270 26.49 48.47 -15.57
N PHE A 271 26.16 48.50 -16.86
CA PHE A 271 25.16 47.58 -17.41
C PHE A 271 25.51 47.29 -18.86
N GLY A 272 25.59 46.01 -19.21
CA GLY A 272 25.98 45.61 -20.55
C GLY A 272 24.81 45.65 -21.52
N ASN A 273 25.13 45.31 -22.77
CA ASN A 273 24.13 45.28 -23.84
C ASN A 273 23.39 43.95 -23.84
N ASN A 274 22.65 43.72 -22.75
CA ASN A 274 21.96 42.46 -22.54
C ASN A 274 20.58 42.72 -21.94
N VAL A 275 19.70 41.74 -22.12
CA VAL A 275 18.30 41.84 -21.70
C VAL A 275 18.06 40.78 -20.62
N LEU A 276 17.48 41.20 -19.49
CA LEU A 276 17.18 40.32 -18.38
C LEU A 276 15.68 40.26 -18.18
N PHE A 277 15.14 39.04 -18.08
CA PHE A 277 13.72 38.83 -17.85
C PHE A 277 13.56 37.60 -16.96
N PRO A 278 12.43 37.47 -16.28
CA PRO A 278 12.22 36.28 -15.44
C PRO A 278 12.22 35.01 -16.27
N ASN A 279 12.65 33.92 -15.65
CA ASN A 279 12.82 32.57 -16.19
C ASN A 279 14.04 32.47 -17.09
N GLN A 280 14.77 33.56 -17.33
CA GLN A 280 16.00 33.49 -18.11
C GLN A 280 17.08 32.79 -17.31
N ILE A 281 17.88 31.98 -17.99
CA ILE A 281 19.00 31.26 -17.37
C ILE A 281 20.27 31.91 -17.87
N VAL A 282 20.95 32.62 -16.97
CA VAL A 282 22.12 33.41 -17.30
C VAL A 282 23.32 32.93 -16.47
N MET A 283 24.51 33.30 -16.93
CA MET A 283 25.75 33.03 -16.22
C MET A 283 26.27 34.34 -15.64
N VAL A 284 26.67 34.30 -14.38
CA VAL A 284 27.24 35.47 -13.72
C VAL A 284 28.44 35.02 -12.89
N LYS A 285 29.47 35.85 -12.87
CA LYS A 285 30.64 35.61 -12.04
C LYS A 285 31.03 36.90 -11.35
N GLY A 286 31.59 36.77 -10.15
CA GLY A 286 31.96 37.94 -9.38
C GLY A 286 32.63 37.55 -8.09
N ILE A 287 32.77 38.54 -7.21
CA ILE A 287 33.42 38.32 -5.92
C ILE A 287 32.43 38.53 -4.78
N LEU A 294 31.08 42.36 -11.42
CA LEU A 294 30.24 41.26 -11.87
C LEU A 294 30.10 41.30 -13.39
N VAL A 295 30.31 40.14 -14.03
CA VAL A 295 30.24 40.03 -15.49
C VAL A 295 29.18 38.99 -15.83
N VAL A 296 28.32 39.32 -16.78
CA VAL A 296 27.19 38.47 -17.17
C VAL A 296 27.31 38.15 -18.65
N SER A 297 27.15 36.88 -18.98
CA SER A 297 27.09 36.42 -20.36
C SER A 297 25.73 35.77 -20.60
N GLU A 298 25.28 35.81 -21.84
CA GLU A 298 23.90 35.45 -22.18
C GLU A 298 23.85 34.40 -23.26
N LEU A 299 24.75 33.42 -23.20
CA LEU A 299 24.73 32.25 -24.06
C LEU A 299 24.73 32.67 -25.53
N ILE A 300 25.81 33.31 -25.93
CA ILE A 300 25.91 33.87 -27.27
C ILE A 300 26.27 32.76 -28.25
N THR A 301 25.45 32.58 -29.28
CA THR A 301 25.79 31.70 -30.38
C THR A 301 26.81 32.41 -31.27
N ASP A 302 27.85 31.67 -31.68
CA ASP A 302 28.91 32.27 -32.49
C ASP A 302 28.35 32.82 -33.79
N HIS A 303 28.84 33.99 -34.17
CA HIS A 303 28.30 34.71 -35.32
C HIS A 303 28.62 33.97 -36.63
N ILE A 304 27.79 34.23 -37.63
CA ILE A 304 27.95 33.62 -38.94
C ILE A 304 29.19 34.17 -39.65
N SER A 323 12.68 32.15 -57.76
CA SER A 323 11.60 33.12 -57.87
C SER A 323 10.31 32.58 -57.26
N GLN A 324 9.86 33.20 -56.18
CA GLN A 324 8.67 32.76 -55.49
C GLN A 324 8.12 33.92 -54.66
N LEU A 325 6.81 33.88 -54.42
CA LEU A 325 6.11 34.89 -53.63
C LEU A 325 5.17 34.21 -52.64
N ILE A 326 5.07 34.79 -51.44
CA ILE A 326 4.24 34.24 -50.38
C ILE A 326 3.29 35.31 -49.88
N MET A 327 2.19 34.89 -49.29
CA MET A 327 1.14 35.77 -48.79
C MET A 327 0.93 35.53 -47.30
N VAL A 328 0.92 36.60 -46.53
CA VAL A 328 0.78 36.53 -45.08
C VAL A 328 -0.36 37.44 -44.65
N ALA A 329 -1.30 36.90 -43.87
CA ALA A 329 -2.42 37.68 -43.36
C ALA A 329 -2.65 37.33 -41.90
N ALA A 330 -3.04 38.33 -41.12
CA ALA A 330 -3.26 38.18 -39.69
C ALA A 330 -4.69 38.52 -39.33
N GLY A 331 -5.24 37.83 -38.33
CA GLY A 331 -6.56 38.13 -37.84
C GLY A 331 -6.55 39.26 -36.84
N PRO A 332 -7.76 39.63 -36.37
CA PRO A 332 -9.07 39.05 -36.70
C PRO A 332 -9.57 39.46 -38.08
N PHE A 333 -10.66 38.85 -38.54
CA PHE A 333 -11.20 39.10 -39.86
C PHE A 333 -12.57 39.75 -39.83
N SER A 334 -13.13 40.01 -38.65
CA SER A 334 -14.44 40.65 -38.51
C SER A 334 -14.31 41.91 -37.68
N THR A 335 -15.02 42.96 -38.10
CA THR A 335 -15.01 44.21 -37.37
C THR A 335 -15.60 44.01 -35.98
N VAL A 336 -15.04 44.73 -35.00
CA VAL A 336 -15.55 44.68 -33.64
C VAL A 336 -17.03 45.04 -33.63
N MET A 337 -17.80 44.29 -32.85
CA MET A 337 -19.26 44.48 -32.73
C MET A 337 -19.95 44.27 -34.06
N SER A 338 -19.37 43.46 -34.94
CA SER A 338 -19.97 43.13 -36.22
C SER A 338 -19.61 41.69 -36.57
N THR A 339 -20.46 41.07 -37.38
CA THR A 339 -20.27 39.67 -37.78
C THR A 339 -20.44 39.49 -39.28
N GLN A 340 -19.98 40.44 -40.08
CA GLN A 340 -20.11 40.33 -41.53
C GLN A 340 -18.88 39.73 -42.18
N TYR A 341 -17.70 39.89 -41.57
CA TYR A 341 -16.44 39.35 -42.09
C TYR A 341 -16.18 39.83 -43.52
N THR A 342 -16.39 41.13 -43.75
CA THR A 342 -16.20 41.69 -45.08
C THR A 342 -14.74 41.92 -45.44
N SER A 343 -13.87 42.09 -44.44
CA SER A 343 -12.45 42.26 -44.73
C SER A 343 -11.85 40.99 -45.31
N PHE A 344 -12.39 39.84 -44.93
CA PHE A 344 -11.99 38.58 -45.54
C PHE A 344 -12.17 38.65 -47.06
N ASP A 345 -13.25 39.29 -47.50
CA ASP A 345 -13.53 39.40 -48.92
C ASP A 345 -12.44 40.18 -49.66
N ASN A 346 -12.06 41.35 -49.13
CA ASN A 346 -11.06 42.14 -49.84
C ASN A 346 -9.65 41.55 -49.70
N ILE A 347 -9.38 40.86 -48.59
CA ILE A 347 -8.10 40.16 -48.46
C ILE A 347 -7.97 39.11 -49.56
N LEU A 348 -9.02 38.29 -49.75
CA LEU A 348 -8.97 37.32 -50.83
C LEU A 348 -9.01 37.99 -52.19
N HIS A 349 -9.67 39.14 -52.31
CA HIS A 349 -9.66 39.89 -53.56
C HIS A 349 -8.23 40.24 -53.96
N VAL A 350 -7.46 40.80 -53.02
CA VAL A 350 -6.07 41.12 -53.30
C VAL A 350 -5.27 39.86 -53.61
N ALA A 351 -5.50 38.79 -52.83
CA ALA A 351 -4.73 37.57 -53.02
C ALA A 351 -4.94 36.98 -54.42
N LYS A 352 -6.20 36.94 -54.88
CA LYS A 352 -6.46 36.41 -56.21
C LYS A 352 -6.21 37.42 -57.32
N THR A 353 -6.05 38.70 -56.97
CA THR A 353 -5.61 39.68 -57.96
C THR A 353 -4.12 39.55 -58.25
N LYS A 354 -3.32 39.29 -57.22
CA LYS A 354 -1.87 39.24 -57.39
C LYS A 354 -1.35 37.84 -57.72
N LYS A 355 -2.23 36.83 -57.76
CA LYS A 355 -1.86 35.47 -58.15
C LYS A 355 -0.70 34.94 -57.31
N VAL A 356 -0.82 35.10 -55.99
CA VAL A 356 0.21 34.57 -55.10
C VAL A 356 0.16 33.05 -55.12
N SER A 357 1.32 32.42 -54.99
CA SER A 357 1.40 30.96 -55.03
C SER A 357 0.68 30.34 -53.84
N THR A 358 0.90 30.88 -52.64
CA THR A 358 0.26 30.36 -51.44
C THR A 358 0.08 31.49 -50.44
N LEU A 359 -0.88 31.31 -49.55
CA LEU A 359 -1.20 32.30 -48.54
C LEU A 359 -1.28 31.64 -47.16
N ILE A 360 -0.92 32.41 -46.14
CA ILE A 360 -0.95 31.94 -44.76
C ILE A 360 -1.95 32.78 -44.00
N LEU A 361 -2.95 32.13 -43.40
CA LEU A 361 -3.92 32.78 -42.55
C LEU A 361 -3.63 32.41 -41.11
N LEU A 362 -3.53 33.41 -40.24
CA LEU A 362 -3.20 33.16 -38.85
C LEU A 362 -3.92 34.16 -37.96
N GLY A 363 -4.18 33.76 -36.72
CA GLY A 363 -4.86 34.60 -35.78
C GLY A 363 -6.26 34.09 -35.48
N PRO A 364 -6.89 34.67 -34.46
CA PRO A 364 -8.25 34.24 -34.09
C PRO A 364 -9.24 34.47 -35.22
N PHE A 365 -10.13 33.50 -35.41
CA PHE A 365 -11.25 33.64 -36.34
C PHE A 365 -12.54 33.98 -35.61
N LEU A 366 -12.94 33.11 -34.68
CA LEU A 366 -14.07 33.36 -33.79
C LEU A 366 -13.50 33.52 -32.39
N ASP A 367 -13.34 34.76 -31.95
CA ASP A 367 -12.68 35.06 -30.69
C ASP A 367 -13.71 35.38 -29.61
N ILE A 368 -13.22 35.47 -28.38
CA ILE A 368 -14.06 35.71 -27.22
C ILE A 368 -14.27 37.21 -27.06
N LYS A 369 -13.75 37.99 -28.00
CA LYS A 369 -13.88 39.43 -27.95
C LYS A 369 -14.93 39.97 -28.92
N ASN A 370 -15.56 39.11 -29.71
CA ASN A 370 -16.58 39.57 -30.66
C ASN A 370 -17.88 38.80 -30.55
N GLU A 371 -17.82 37.48 -30.33
CA GLU A 371 -19.02 36.65 -30.27
C GLU A 371 -19.65 36.60 -28.89
N ILE A 372 -18.95 37.09 -27.85
CA ILE A 372 -19.57 37.17 -26.53
C ILE A 372 -20.72 38.18 -26.55
N LEU A 373 -20.57 39.25 -27.33
CA LEU A 373 -21.62 40.26 -27.41
C LEU A 373 -22.84 39.72 -28.14
N LYS A 374 -22.64 38.96 -29.22
CA LYS A 374 -23.77 38.44 -29.99
C LYS A 374 -24.47 37.30 -29.24
N ASP A 375 -23.70 36.35 -28.72
CA ASP A 375 -24.24 35.17 -28.03
C ASP A 375 -25.29 34.47 -28.89
N GLY A 376 -24.99 34.34 -30.17
CA GLY A 376 -25.90 33.74 -31.12
C GLY A 376 -25.59 34.21 -32.52
N SER A 377 -26.25 33.58 -33.49
CA SER A 377 -26.05 33.90 -34.90
C SER A 377 -27.39 34.06 -35.58
N ILE A 378 -27.60 35.22 -36.20
CA ILE A 378 -28.80 35.52 -36.96
C ILE A 378 -28.39 36.10 -38.30
N ILE A 379 -29.04 35.64 -39.37
CA ILE A 379 -28.69 36.01 -40.73
C ILE A 379 -29.90 36.64 -41.40
N ILE A 380 -29.66 37.29 -42.54
CA ILE A 380 -30.72 38.01 -43.24
C ILE A 380 -31.83 37.09 -43.71
N ASN A 381 -31.48 35.86 -44.12
CA ASN A 381 -32.46 34.92 -44.65
C ASN A 381 -33.14 34.11 -43.55
N SER A 382 -33.16 34.62 -42.31
CA SER A 382 -33.87 34.00 -41.19
C SER A 382 -33.37 32.58 -40.93
N LYS A 383 -32.10 32.49 -40.57
CA LYS A 383 -31.47 31.21 -40.23
C LYS A 383 -30.61 31.40 -38.99
N GLU A 384 -30.55 30.36 -38.17
CA GLU A 384 -29.74 30.33 -36.96
C GLU A 384 -28.53 29.44 -37.20
N TYR A 385 -27.34 29.96 -36.91
CA TYR A 385 -26.09 29.28 -37.16
C TYR A 385 -25.37 29.02 -35.84
N THR A 386 -24.50 28.00 -35.85
CA THR A 386 -23.65 27.71 -34.71
C THR A 386 -22.19 27.94 -35.10
N PHE A 387 -21.30 27.77 -34.13
CA PHE A 387 -19.89 28.07 -34.35
C PHE A 387 -19.31 27.25 -35.49
N GLU A 388 -19.52 25.93 -35.46
CA GLU A 388 -18.92 25.06 -36.47
C GLU A 388 -19.46 25.38 -37.86
N GLN A 389 -20.76 25.62 -37.98
CA GLN A 389 -21.33 25.95 -39.28
C GLN A 389 -20.79 27.29 -39.79
N LEU A 390 -20.57 28.24 -38.89
CA LEU A 390 -19.99 29.51 -39.28
C LEU A 390 -18.58 29.32 -39.82
N GLN A 391 -17.78 28.48 -39.15
CA GLN A 391 -16.43 28.20 -39.64
C GLN A 391 -16.47 27.49 -40.98
N ASN A 392 -17.39 26.54 -41.15
CA ASN A 392 -17.52 25.87 -42.44
C ASN A 392 -17.90 26.85 -43.53
N SER A 393 -18.80 27.80 -43.25
CA SER A 393 -19.17 28.79 -44.25
C SER A 393 -17.97 29.66 -44.63
N LEU A 394 -17.21 30.11 -43.63
CA LEU A 394 -16.04 30.94 -43.91
C LEU A 394 -15.03 30.18 -44.77
N PHE A 395 -14.76 28.92 -44.44
CA PHE A 395 -13.74 28.19 -45.18
C PHE A 395 -14.23 27.77 -46.56
N GLU A 396 -15.53 27.50 -46.70
CA GLU A 396 -16.09 27.28 -48.03
C GLU A 396 -15.96 28.54 -48.89
N LYS A 397 -16.20 29.71 -48.29
CA LYS A 397 -15.98 30.95 -49.03
C LYS A 397 -14.53 31.07 -49.46
N ALA A 398 -13.60 30.76 -48.55
CA ALA A 398 -12.18 30.84 -48.88
C ALA A 398 -11.83 29.92 -50.05
N VAL A 399 -12.24 28.66 -49.97
CA VAL A 399 -11.85 27.70 -51.00
C VAL A 399 -12.54 28.00 -52.34
N LYS A 400 -13.78 28.50 -52.31
CA LYS A 400 -14.47 28.80 -53.55
C LYS A 400 -13.95 30.09 -54.19
N GLU A 401 -13.47 31.04 -53.39
CA GLU A 401 -12.85 32.23 -53.97
C GLU A 401 -11.47 31.92 -54.52
N LEU A 402 -10.72 31.05 -53.85
CA LEU A 402 -9.39 30.67 -54.32
C LEU A 402 -9.43 29.51 -55.31
N GLU A 403 -10.56 28.81 -55.43
CA GLU A 403 -10.73 27.69 -56.35
C GLU A 403 -9.68 26.60 -56.16
N GLY A 404 -9.06 26.53 -54.98
CA GLY A 404 -8.03 25.55 -54.73
C GLY A 404 -6.78 25.72 -55.56
N LYS A 405 -6.62 26.87 -56.21
CA LYS A 405 -5.42 27.10 -57.03
C LYS A 405 -4.19 27.40 -56.19
N THR A 406 -4.38 27.79 -54.92
CA THR A 406 -3.29 28.16 -54.04
C THR A 406 -3.39 27.37 -52.75
N GLN A 407 -2.23 27.13 -52.13
CA GLN A 407 -2.20 26.45 -50.84
C GLN A 407 -2.47 27.44 -49.72
N ILE A 408 -3.11 26.95 -48.65
CA ILE A 408 -3.50 27.78 -47.52
C ILE A 408 -2.94 27.16 -46.25
N ILE A 409 -2.42 28.00 -45.36
CA ILE A 409 -1.90 27.58 -44.07
C ILE A 409 -2.68 28.31 -42.98
N ILE A 410 -3.21 27.54 -42.04
CA ILE A 410 -4.02 28.08 -40.94
C ILE A 410 -3.30 27.78 -39.64
N VAL A 411 -3.16 28.80 -38.79
CA VAL A 411 -2.54 28.67 -37.47
C VAL A 411 -3.52 29.20 -36.43
N PRO A 412 -4.01 28.37 -35.52
CA PRO A 412 -4.94 28.85 -34.51
C PRO A 412 -4.22 29.62 -33.40
N SER A 413 -5.00 30.39 -32.65
CA SER A 413 -4.50 31.16 -31.52
C SER A 413 -5.32 30.85 -30.28
N THR A 414 -4.84 31.36 -29.14
CA THR A 414 -5.49 31.06 -27.87
C THR A 414 -6.90 31.64 -27.80
N ARG A 415 -7.06 32.88 -28.26
CA ARG A 415 -8.34 33.56 -28.09
C ARG A 415 -9.44 32.99 -28.98
N ASP A 416 -9.11 32.07 -29.89
CA ASP A 416 -10.14 31.38 -30.64
C ASP A 416 -11.08 30.66 -29.69
N ILE A 417 -12.38 30.71 -30.01
CA ILE A 417 -13.39 30.20 -29.08
C ILE A 417 -13.58 28.69 -29.21
N LEU A 418 -13.18 28.09 -30.34
CA LEU A 418 -13.37 26.67 -30.53
C LEU A 418 -12.23 25.85 -29.96
N SER A 419 -11.01 26.39 -29.96
CA SER A 419 -9.85 25.68 -29.44
C SER A 419 -9.70 25.98 -27.95
N THR A 420 -10.04 25.00 -27.11
CA THR A 420 -10.01 25.19 -25.67
C THR A 420 -8.62 24.97 -25.07
N ASP A 421 -7.68 24.43 -25.84
CA ASP A 421 -6.39 24.05 -25.29
C ASP A 421 -5.58 25.29 -24.89
N SER A 422 -4.48 25.04 -24.19
CA SER A 422 -3.59 26.12 -23.76
C SER A 422 -2.72 26.56 -24.92
N ILE A 423 -1.67 27.35 -24.64
CA ILE A 423 -0.87 27.93 -25.72
C ILE A 423 -0.24 26.87 -26.63
N PRO A 424 0.29 25.68 -26.14
CA PRO A 424 0.81 24.69 -27.07
C PRO A 424 -0.29 23.84 -27.69
N GLN A 425 -1.36 24.51 -28.14
CA GLN A 425 -2.50 23.83 -28.74
C GLN A 425 -2.10 23.24 -30.09
N MET A 426 -3.00 22.45 -30.66
CA MET A 426 -2.66 21.73 -31.87
C MET A 426 -3.92 21.40 -32.67
N SER A 427 -3.77 21.41 -33.99
CA SER A 427 -4.72 20.80 -34.91
C SER A 427 -6.14 21.31 -34.69
N LEU A 428 -6.34 22.60 -34.98
CA LEU A 428 -7.70 23.12 -35.06
C LEU A 428 -8.38 22.41 -36.22
N GLU A 429 -9.31 21.50 -35.91
CA GLU A 429 -9.85 20.60 -36.93
C GLU A 429 -10.62 21.38 -37.97
N ILE A 430 -10.39 21.04 -39.23
CA ILE A 430 -11.01 21.73 -40.36
C ILE A 430 -12.01 20.80 -41.03
N LYS A 431 -13.25 21.24 -41.14
CA LYS A 431 -14.27 20.53 -41.89
C LYS A 431 -14.70 21.41 -43.07
N VAL A 432 -14.53 20.90 -44.28
CA VAL A 432 -14.83 21.65 -45.50
C VAL A 432 -15.54 20.73 -46.48
N SER A 433 -16.45 21.32 -47.27
CA SER A 433 -17.16 20.55 -48.28
C SER A 433 -16.25 20.18 -49.44
N GLU A 434 -15.41 21.12 -49.88
CA GLU A 434 -14.45 20.84 -50.94
C GLU A 434 -13.42 19.83 -50.45
N HIS A 435 -13.08 18.88 -51.32
CA HIS A 435 -12.25 17.76 -50.91
C HIS A 435 -10.77 17.90 -51.28
N LYS A 436 -10.44 18.76 -52.23
CA LYS A 436 -9.04 18.91 -52.63
C LYS A 436 -8.19 19.36 -51.45
N ASN A 437 -7.00 18.78 -51.33
CA ASN A 437 -6.14 19.00 -50.17
C ASN A 437 -5.37 20.30 -50.27
N SER A 438 -6.07 21.41 -50.48
CA SER A 438 -5.44 22.72 -50.52
C SER A 438 -5.34 23.35 -49.13
N ILE A 439 -5.95 22.75 -48.13
CA ILE A 439 -6.01 23.32 -46.78
C ILE A 439 -5.12 22.51 -45.85
N HIS A 440 -4.66 23.15 -44.78
CA HIS A 440 -3.77 22.52 -43.82
C HIS A 440 -3.98 23.14 -42.45
N SER A 441 -3.61 22.38 -41.41
CA SER A 441 -3.66 22.83 -40.04
C SER A 441 -2.35 22.48 -39.34
N TYR A 442 -1.97 23.31 -38.37
CA TYR A 442 -0.71 23.12 -37.67
C TYR A 442 -0.86 23.56 -36.22
N SER A 443 0.13 23.17 -35.42
CA SER A 443 0.15 23.53 -34.01
C SER A 443 0.35 25.02 -33.84
N ASN A 444 0.30 25.47 -32.57
CA ASN A 444 0.46 26.90 -32.33
C ASN A 444 1.88 27.38 -32.66
N PRO A 445 2.95 26.91 -31.99
CA PRO A 445 4.29 27.23 -32.51
C PRO A 445 4.67 26.27 -33.62
N ALA A 446 4.71 26.76 -34.85
CA ALA A 446 4.92 25.92 -36.01
C ALA A 446 6.29 26.15 -36.62
N TYR A 447 6.76 25.15 -37.36
CA TYR A 447 8.02 25.23 -38.08
C TYR A 447 7.85 24.36 -39.33
N ILE A 448 7.42 24.99 -40.41
CA ILE A 448 6.98 24.30 -41.60
C ILE A 448 8.08 24.36 -42.66
N ASP A 449 8.00 23.45 -43.61
CA ASP A 449 9.03 23.31 -44.64
C ASP A 449 8.41 23.60 -46.01
N ILE A 450 8.73 24.77 -46.55
CA ILE A 450 8.52 25.10 -47.96
C ILE A 450 9.53 24.28 -48.74
N ASP A 451 9.44 24.28 -50.08
CA ASP A 451 10.32 23.49 -50.94
C ASP A 451 11.75 23.45 -50.42
N LYS A 452 12.30 24.60 -50.04
CA LYS A 452 13.56 24.64 -49.33
C LYS A 452 13.58 25.68 -48.23
N LEU A 453 12.44 26.28 -47.89
CA LEU A 453 12.35 27.37 -46.94
C LEU A 453 11.70 26.86 -45.66
N ARG A 454 12.31 27.17 -44.51
CA ARG A 454 11.87 26.68 -43.21
C ARG A 454 11.53 27.88 -42.33
N VAL A 455 10.23 28.05 -42.04
CA VAL A 455 9.72 29.22 -41.35
C VAL A 455 9.15 28.80 -40.00
N TYR A 456 9.43 29.61 -38.98
CA TYR A 456 9.02 29.34 -37.60
C TYR A 456 8.02 30.40 -37.16
N ILE A 457 6.92 29.97 -36.56
CA ILE A 457 5.78 30.84 -36.27
C ILE A 457 5.58 30.93 -34.77
N ALA A 458 5.65 32.15 -34.24
CA ALA A 458 5.23 32.45 -32.86
C ALA A 458 3.89 33.18 -33.00
N ASN A 459 2.80 32.44 -32.79
CA ASN A 459 1.50 32.91 -33.26
C ASN A 459 0.93 34.03 -32.40
N SER A 460 1.38 34.18 -31.16
CA SER A 460 0.70 35.10 -30.24
C SER A 460 1.68 35.95 -29.47
N ASP A 461 1.71 37.24 -29.79
CA ASP A 461 2.14 38.35 -28.92
C ASP A 461 3.24 37.95 -27.95
N VAL A 462 4.34 37.45 -28.51
CA VAL A 462 5.50 37.14 -27.68
C VAL A 462 6.44 38.34 -27.56
N GLY A 463 6.63 39.09 -28.64
CA GLY A 463 7.56 40.20 -28.62
C GLY A 463 7.15 41.30 -27.66
N MET A 464 5.88 41.71 -27.72
CA MET A 464 5.43 42.81 -26.87
C MET A 464 5.52 42.44 -25.39
N ILE A 465 5.07 41.23 -25.05
CA ILE A 465 5.11 40.81 -23.66
C ILE A 465 6.55 40.67 -23.17
N THR A 466 7.41 40.09 -23.99
CA THR A 466 8.81 39.93 -23.60
C THR A 466 9.48 41.28 -23.40
N LEU A 467 9.20 42.25 -24.29
CA LEU A 467 9.82 43.55 -24.18
C LEU A 467 9.31 44.31 -22.95
N GLN A 468 7.99 44.35 -22.76
CA GLN A 468 7.43 45.14 -21.67
C GLN A 468 7.74 44.52 -20.32
N ASN A 469 7.63 43.20 -20.21
CA ASN A 469 7.87 42.54 -18.93
C ASN A 469 9.33 42.69 -18.50
N SER A 470 10.27 42.53 -19.43
CA SER A 470 11.67 42.57 -19.10
C SER A 470 12.14 44.01 -18.84
N LEU A 471 13.33 44.13 -18.26
CA LEU A 471 13.97 45.41 -18.04
C LEU A 471 15.17 45.56 -18.96
N LEU A 472 15.41 46.80 -19.39
CA LEU A 472 16.53 47.11 -20.27
C LEU A 472 16.93 48.55 -20.04
N ASP A 473 18.16 48.87 -20.44
CA ASP A 473 18.67 50.22 -20.25
C ASP A 473 17.86 51.22 -21.06
N LYS A 474 17.83 52.46 -20.58
CA LYS A 474 17.03 53.51 -21.20
C LYS A 474 17.81 54.10 -22.38
N LYS A 475 17.32 55.26 -22.88
CA LYS A 475 17.92 55.99 -24.00
C LYS A 475 18.32 55.07 -25.16
N ILE A 476 17.50 54.04 -25.40
CA ILE A 476 17.72 53.11 -26.51
C ILE A 476 16.50 53.21 -27.43
N PRO A 477 16.70 53.37 -28.74
CA PRO A 477 15.55 53.50 -29.64
C PRO A 477 14.70 52.24 -29.65
N TYR A 478 13.41 52.42 -29.95
CA TYR A 478 12.44 51.33 -29.85
C TYR A 478 12.80 50.18 -30.80
N MET A 479 13.25 50.51 -32.01
CA MET A 479 13.67 49.46 -32.94
C MET A 479 14.82 48.64 -32.36
N GLN A 480 15.80 49.33 -31.76
CA GLN A 480 16.88 48.62 -31.09
C GLN A 480 16.37 47.83 -29.89
N GLN A 481 15.36 48.35 -29.19
CA GLN A 481 14.75 47.59 -28.10
C GLN A 481 14.21 46.26 -28.59
N SER A 482 13.43 46.29 -29.67
CA SER A 482 12.88 45.06 -30.23
C SER A 482 13.99 44.13 -30.71
N ARG A 483 15.02 44.70 -31.35
CA ARG A 483 16.13 43.88 -31.83
C ARG A 483 16.81 43.15 -30.69
N LEU A 484 17.09 43.84 -29.59
CA LEU A 484 17.75 43.20 -28.46
C LEU A 484 16.85 42.19 -27.76
N THR A 485 15.54 42.48 -27.65
CA THR A 485 14.65 41.50 -27.06
C THR A 485 14.63 40.21 -27.86
N PHE A 486 14.58 40.32 -29.19
CA PHE A 486 14.59 39.11 -30.00
C PHE A 486 15.96 38.44 -29.97
N LYS A 487 17.05 39.20 -29.88
CA LYS A 487 18.36 38.59 -29.67
C LYS A 487 18.37 37.76 -28.40
N ALA A 488 17.81 38.30 -27.32
CA ALA A 488 17.75 37.55 -26.07
C ALA A 488 16.91 36.29 -26.21
N LEU A 489 15.76 36.38 -26.88
CA LEU A 489 14.89 35.22 -27.01
C LEU A 489 15.51 34.15 -27.89
N MET A 490 16.24 34.54 -28.94
CA MET A 490 16.84 33.56 -29.84
C MET A 490 17.90 32.72 -29.14
N ASN A 491 18.54 33.28 -28.11
CA ASN A 491 19.61 32.55 -27.43
C ASN A 491 19.07 31.30 -26.72
N GLN A 492 17.93 31.42 -26.04
CA GLN A 492 17.41 30.34 -25.21
C GLN A 492 16.62 29.30 -25.99
N GLN A 493 16.78 29.26 -27.31
CA GLN A 493 16.27 28.17 -28.15
C GLN A 493 14.76 28.07 -28.15
N ASN A 494 14.08 29.00 -27.47
CA ASN A 494 12.62 28.99 -27.45
C ASN A 494 12.11 30.37 -27.14
N LEU A 495 11.13 30.83 -27.92
CA LEU A 495 10.57 32.16 -27.70
C LEU A 495 9.72 32.23 -26.44
N TYR A 496 9.01 31.15 -26.11
CA TYR A 496 8.15 31.12 -24.92
C TYR A 496 8.99 30.88 -23.66
N SER A 497 9.98 31.75 -23.46
CA SER A 497 10.89 31.57 -22.33
C SER A 497 10.23 31.94 -21.02
N ILE A 498 9.46 33.03 -21.00
CA ILE A 498 8.89 33.55 -19.75
C ILE A 498 7.67 32.71 -19.38
N TYR A 499 7.68 32.18 -18.15
CA TYR A 499 6.54 31.41 -17.66
C TYR A 499 5.40 32.30 -17.19
N PRO A 500 5.62 33.26 -16.29
CA PRO A 500 4.48 34.05 -15.79
C PRO A 500 3.82 34.90 -16.85
N MET A 501 4.61 35.70 -17.58
CA MET A 501 4.13 36.59 -18.64
C MET A 501 2.83 37.29 -18.26
N ARG A 502 2.85 37.89 -17.06
CA ARG A 502 1.68 38.61 -16.55
C ARG A 502 1.44 39.89 -17.36
N ASN A 503 0.19 40.30 -17.40
CA ASN A 503 -0.17 41.53 -18.09
C ASN A 503 0.51 42.72 -17.41
N PRO A 504 1.16 43.61 -18.16
CA PRO A 504 1.78 44.78 -17.54
C PRO A 504 0.76 45.61 -16.76
N GLN A 505 1.20 46.11 -15.61
CA GLN A 505 0.42 46.93 -14.69
C GLN A 505 -0.80 46.21 -14.14
N ASP A 506 -0.95 44.91 -14.40
CA ASP A 506 -2.06 44.12 -13.87
C ASP A 506 -1.49 42.77 -13.45
N SER A 507 -1.09 42.66 -12.19
CA SER A 507 -0.46 41.44 -11.70
C SER A 507 -1.43 40.27 -11.72
N GLN A 508 -2.68 40.50 -11.33
CA GLN A 508 -3.64 39.40 -11.20
C GLN A 508 -3.99 38.79 -12.56
N GLN A 509 -3.97 39.59 -13.62
CA GLN A 509 -4.39 39.11 -14.94
C GLN A 509 -3.24 38.45 -15.67
N ILE A 510 -3.54 37.33 -16.32
CA ILE A 510 -2.56 36.58 -17.11
C ILE A 510 -3.01 36.59 -18.55
N LEU A 511 -2.14 37.08 -19.44
CA LEU A 511 -2.53 37.23 -20.84
C LEU A 511 -2.63 35.89 -21.55
N GLU A 512 -1.65 35.00 -21.34
CA GLU A 512 -1.63 33.71 -22.00
C GLU A 512 -1.29 32.63 -21.00
N THR A 513 -1.87 31.45 -21.20
CA THR A 513 -1.65 30.30 -20.32
C THR A 513 -0.68 29.35 -21.00
N VAL A 514 0.44 29.06 -20.33
CA VAL A 514 1.48 28.18 -20.87
C VAL A 514 1.66 27.00 -19.93
N LYS A 515 1.64 25.79 -20.50
CA LYS A 515 1.84 24.56 -19.74
C LYS A 515 3.33 24.30 -19.67
N LEU A 516 3.93 24.55 -18.50
CA LEU A 516 5.38 24.55 -18.38
C LEU A 516 6.03 23.21 -18.73
N PRO A 517 5.59 22.06 -18.19
CA PRO A 517 6.31 20.81 -18.50
C PRO A 517 6.30 20.47 -19.97
N ASN A 518 5.25 20.85 -20.70
CA ASN A 518 5.06 20.40 -22.07
C ASN A 518 5.56 21.39 -23.11
N ILE A 519 6.13 22.52 -22.70
CA ILE A 519 6.50 23.53 -23.69
C ILE A 519 7.93 23.32 -24.18
N ASN A 520 8.78 22.68 -23.39
CA ASN A 520 10.17 22.48 -23.81
C ASN A 520 10.32 21.46 -24.93
N ASP A 521 9.24 20.73 -25.28
CA ASP A 521 9.31 19.81 -26.40
C ASP A 521 9.59 20.55 -27.71
N PHE A 522 8.94 21.69 -27.91
CA PHE A 522 9.05 22.45 -29.15
C PHE A 522 10.31 23.32 -29.20
N ASP A 523 11.29 23.06 -28.34
CA ASP A 523 12.54 23.80 -28.38
C ASP A 523 13.33 23.49 -29.64
N ILE A 524 14.03 24.49 -30.17
CA ILE A 524 14.86 24.32 -31.34
C ILE A 524 16.21 25.00 -31.10
N PRO A 525 17.32 24.30 -31.24
CA PRO A 525 18.63 24.90 -30.99
C PRO A 525 19.20 25.59 -32.21
N PHE A 526 20.03 26.59 -31.96
CA PHE A 526 20.64 27.41 -33.01
C PHE A 526 22.14 27.29 -32.92
N ASP A 527 22.73 26.54 -33.86
CA ASP A 527 24.18 26.52 -34.05
C ASP A 527 24.42 26.66 -35.55
N TYR A 528 24.74 27.87 -35.99
CA TYR A 528 24.89 28.16 -37.42
C TYR A 528 26.12 27.51 -38.03
N GLN A 529 27.01 26.94 -37.22
CA GLN A 529 28.16 26.23 -37.76
C GLN A 529 27.74 25.08 -38.66
N LEU A 530 26.60 24.46 -38.37
CA LEU A 530 26.06 23.41 -39.24
C LEU A 530 25.07 23.98 -40.24
N GLU A 531 23.98 24.57 -39.75
CA GLU A 531 22.93 25.09 -40.60
C GLU A 531 22.28 26.30 -39.93
N GLN A 532 21.60 27.10 -40.73
CA GLN A 532 20.72 28.15 -40.23
C GLN A 532 19.30 27.61 -40.24
N TYR A 533 18.78 27.29 -39.05
CA TYR A 533 17.56 26.50 -38.98
C TYR A 533 16.32 27.32 -39.30
N PRO A 534 15.99 28.39 -38.55
CA PRO A 534 14.79 29.16 -38.91
C PRO A 534 15.08 30.22 -39.97
N HIS A 535 14.54 30.04 -41.18
CA HIS A 535 14.80 31.03 -42.23
C HIS A 535 14.00 32.30 -41.99
N ILE A 536 12.74 32.16 -41.60
CA ILE A 536 11.84 33.30 -41.40
C ILE A 536 11.13 33.12 -40.07
N ILE A 537 11.04 34.19 -39.29
CA ILE A 537 10.33 34.20 -38.01
C ILE A 537 9.13 35.12 -38.15
N ILE A 538 7.94 34.58 -37.90
CA ILE A 538 6.70 35.35 -37.94
C ILE A 538 6.22 35.53 -36.51
N SER A 539 6.23 36.76 -36.02
CA SER A 539 5.85 37.07 -34.65
C SER A 539 4.82 38.19 -34.63
N PRO A 540 3.58 37.90 -35.01
CA PRO A 540 2.54 38.95 -35.01
C PRO A 540 2.33 39.50 -33.61
N SER A 541 2.60 40.79 -33.46
CA SER A 541 2.47 41.44 -32.17
C SER A 541 2.27 42.93 -32.39
N SER A 542 1.83 43.61 -31.33
CA SER A 542 1.49 45.04 -31.39
C SER A 542 2.71 45.93 -31.56
N LEU A 543 3.92 45.41 -31.73
CA LEU A 543 5.09 46.25 -31.97
C LEU A 543 5.00 46.90 -33.34
N PRO A 544 5.70 48.03 -33.53
CA PRO A 544 5.66 48.70 -34.83
C PRO A 544 6.18 47.79 -35.94
N LYS A 545 5.60 47.96 -37.13
CA LYS A 545 5.93 47.11 -38.26
C LYS A 545 7.42 47.20 -38.58
N PHE A 546 8.03 46.04 -38.89
CA PHE A 546 9.45 46.00 -39.19
C PHE A 546 9.74 44.78 -40.05
N ALA A 547 10.93 44.76 -40.64
CA ALA A 547 11.44 43.60 -41.34
C ALA A 547 12.95 43.72 -41.37
N THR A 548 13.64 42.92 -40.54
CA THR A 548 15.08 43.05 -40.37
C THR A 548 15.73 41.67 -40.35
N LYS A 549 17.05 41.67 -40.34
CA LYS A 549 17.86 40.46 -40.38
C LYS A 549 18.67 40.34 -39.09
N ILE A 550 18.62 39.16 -38.48
CA ILE A 550 19.40 38.86 -37.28
C ILE A 550 20.00 37.46 -37.45
N TYR A 551 21.28 37.33 -37.09
CA TYR A 551 21.99 36.05 -37.17
C TYR A 551 21.78 35.36 -38.51
N ASN A 552 21.79 36.13 -39.60
CA ASN A 552 21.54 35.60 -40.93
C ASN A 552 20.16 34.94 -41.03
N THR A 553 19.17 35.50 -40.34
CA THR A 553 17.78 35.13 -40.55
C THR A 553 16.92 36.36 -40.37
N VAL A 554 15.73 36.34 -40.98
CA VAL A 554 14.87 37.50 -41.07
C VAL A 554 13.64 37.30 -40.20
N VAL A 555 13.19 38.39 -39.57
CA VAL A 555 11.99 38.40 -38.74
C VAL A 555 11.04 39.45 -39.29
N ILE A 556 9.75 39.12 -39.32
CA ILE A 556 8.73 40.04 -39.82
C ILE A 556 7.62 40.12 -38.79
N ASN A 557 6.97 41.29 -38.73
CA ASN A 557 5.91 41.57 -37.77
C ASN A 557 4.72 42.20 -38.49
N PRO A 558 3.95 41.39 -39.23
CA PRO A 558 2.71 41.90 -39.83
C PRO A 558 1.62 42.00 -38.76
N ASN A 559 1.29 43.23 -38.38
CA ASN A 559 0.37 43.44 -37.27
C ASN A 559 -1.04 42.99 -37.65
N TYR A 560 -1.95 43.09 -36.69
CA TYR A 560 -3.31 42.61 -36.89
C TYR A 560 -4.06 43.49 -37.87
N VAL A 561 -4.73 42.86 -38.84
CA VAL A 561 -5.62 43.60 -39.71
C VAL A 561 -6.87 43.98 -38.93
N ILE A 562 -7.41 45.17 -39.23
CA ILE A 562 -8.46 45.80 -38.44
C ILE A 562 -7.94 45.91 -37.02
N ARG A 563 -6.80 46.59 -36.84
CA ARG A 563 -6.23 46.75 -35.52
C ARG A 563 -7.04 47.76 -34.71
N ASP A 564 -7.36 47.40 -33.47
CA ASP A 564 -8.03 48.28 -32.51
C ASP A 564 -9.39 48.78 -33.02
N GLY A 565 -10.02 48.04 -33.93
CA GLY A 565 -11.33 48.40 -34.43
C GLY A 565 -11.35 49.34 -35.61
N SER A 566 -10.21 49.92 -35.97
CA SER A 566 -10.14 50.80 -37.13
C SER A 566 -9.97 49.99 -38.40
N GLN A 567 -10.52 50.50 -39.50
CA GLN A 567 -10.45 49.81 -40.78
C GLN A 567 -9.03 49.76 -41.34
N ALA A 568 -8.10 50.55 -40.80
CA ALA A 568 -6.75 50.63 -41.34
C ALA A 568 -5.93 49.39 -41.03
N GLY A 569 -6.20 48.30 -41.74
CA GLY A 569 -5.40 47.10 -41.59
C GLY A 569 -4.10 47.16 -42.37
N ASN A 570 -3.27 46.14 -42.17
CA ASN A 570 -2.03 46.03 -42.91
C ASN A 570 -1.55 44.59 -42.88
N PHE A 571 -0.70 44.24 -43.84
CA PHE A 571 -0.14 42.90 -43.95
C PHE A 571 1.21 43.02 -44.66
N ALA A 572 1.75 41.88 -45.09
CA ALA A 572 3.05 41.87 -45.73
C ALA A 572 3.13 40.73 -46.73
N ILE A 573 4.04 40.88 -47.69
CA ILE A 573 4.38 39.83 -48.64
C ILE A 573 5.89 39.68 -48.66
N ILE A 574 6.34 38.49 -49.09
CA ILE A 574 7.76 38.19 -49.18
C ILE A 574 8.03 37.52 -50.51
N THR A 575 9.12 37.92 -51.16
CA THR A 575 9.57 37.31 -52.41
C THR A 575 11.03 36.91 -52.25
N LEU A 576 11.34 35.67 -52.61
CA LEU A 576 12.69 35.13 -52.51
C LEU A 576 13.05 34.44 -53.81
N PHE A 577 14.34 34.47 -54.14
CA PHE A 577 14.88 33.86 -55.34
C PHE A 577 15.94 32.83 -54.96
N LYS A 578 15.89 31.68 -55.62
CA LYS A 578 16.84 30.59 -55.38
C LYS A 578 17.58 30.27 -56.67
N ASP A 579 18.89 30.04 -56.55
CA ASP A 579 19.72 29.76 -57.70
C ASP A 579 20.51 28.46 -57.52
N HIS A 585 22.71 32.60 -52.47
CA HIS A 585 22.38 31.43 -51.67
C HIS A 585 21.03 31.61 -50.97
N GLU A 586 20.87 32.72 -50.26
CA GLU A 586 19.64 33.03 -49.52
C GLU A 586 19.38 34.53 -49.68
N ARG A 587 18.62 34.88 -50.71
CA ARG A 587 18.24 36.26 -50.97
C ARG A 587 16.72 36.36 -50.96
N THR A 588 16.19 37.24 -50.13
CA THR A 588 14.75 37.42 -50.01
C THR A 588 14.42 38.91 -50.00
N ARG A 589 13.40 39.29 -50.75
CA ARG A 589 12.89 40.66 -50.79
C ARG A 589 11.60 40.72 -50.00
N VAL A 590 11.52 41.67 -49.08
CA VAL A 590 10.36 41.81 -48.19
C VAL A 590 9.85 43.25 -48.26
N ASP A 591 8.54 43.40 -48.36
CA ASP A 591 7.88 44.70 -48.35
C ASP A 591 6.53 44.56 -47.66
N LEU A 592 6.11 45.64 -46.99
CA LEU A 592 4.91 45.63 -46.19
C LEU A 592 3.85 46.55 -46.80
N TYR A 593 2.60 46.09 -46.79
CA TYR A 593 1.49 46.81 -47.40
C TYR A 593 0.51 47.28 -46.33
N CYS A 594 0.06 48.51 -46.46
CA CYS A 594 -0.96 49.08 -45.59
C CYS A 594 -2.26 49.28 -46.37
N LEU A 595 -3.38 48.97 -45.71
CA LEU A 595 -4.69 49.15 -46.33
C LEU A 595 -5.11 50.61 -46.27
N SER B 1232 -31.94 10.32 -4.84
CA SER B 1232 -31.33 9.35 -5.74
C SER B 1232 -29.88 9.72 -6.05
N LYS B 1233 -29.48 9.53 -7.31
CA LYS B 1233 -28.13 9.84 -7.76
C LYS B 1233 -28.00 11.26 -8.30
N ARG B 1234 -29.10 12.02 -8.38
CA ARG B 1234 -29.09 13.30 -9.06
C ARG B 1234 -28.86 14.49 -8.14
N ASN B 1235 -29.16 14.37 -6.85
CA ASN B 1235 -29.02 15.51 -5.94
C ASN B 1235 -27.57 15.88 -5.73
N GLN B 1236 -26.71 14.89 -5.51
CA GLN B 1236 -25.29 15.15 -5.26
C GLN B 1236 -24.57 15.71 -6.47
N PHE B 1237 -25.18 15.64 -7.66
CA PHE B 1237 -24.64 16.31 -8.83
C PHE B 1237 -25.35 17.63 -9.13
N LEU B 1238 -26.58 17.80 -8.66
CA LEU B 1238 -27.25 19.09 -8.74
C LEU B 1238 -26.67 20.09 -7.75
N THR B 1239 -26.03 19.61 -6.67
CA THR B 1239 -25.54 20.52 -5.64
C THR B 1239 -24.29 21.29 -6.07
N SER B 1240 -23.66 20.94 -7.18
CA SER B 1240 -22.40 21.57 -7.59
C SER B 1240 -22.39 22.07 -9.02
N ILE B 1241 -23.52 22.02 -9.73
CA ILE B 1241 -23.54 22.42 -11.14
C ILE B 1241 -23.18 23.90 -11.25
N PRO B 1242 -22.40 24.32 -12.24
CA PRO B 1242 -22.14 25.75 -12.44
C PRO B 1242 -23.28 26.41 -13.21
N ARG B 1243 -23.25 27.75 -13.19
CA ARG B 1243 -24.33 28.53 -13.79
C ARG B 1243 -24.38 28.32 -15.31
N VAL B 1244 -25.56 27.99 -15.81
CA VAL B 1244 -25.80 27.84 -17.25
C VAL B 1244 -27.09 28.61 -17.54
N LEU B 1245 -26.95 29.86 -17.97
CA LEU B 1245 -28.10 30.72 -18.27
C LEU B 1245 -28.37 30.71 -19.77
N VAL B 1246 -29.62 30.42 -20.13
CA VAL B 1246 -30.05 30.40 -21.52
C VAL B 1246 -30.84 31.68 -21.81
N ASP B 1247 -30.50 32.36 -22.89
CA ASP B 1247 -31.18 33.58 -23.30
C ASP B 1247 -32.18 33.23 -24.39
N CYS B 1248 -33.46 33.24 -24.04
CA CYS B 1248 -34.56 32.90 -24.94
C CYS B 1248 -35.32 34.16 -25.33
N LYS B 1249 -36.27 34.01 -26.24
CA LYS B 1249 -37.15 35.12 -26.58
C LYS B 1249 -38.00 35.49 -25.37
N LYS B 1250 -38.06 36.78 -25.07
CA LYS B 1250 -38.90 37.38 -24.02
C LYS B 1250 -38.79 36.67 -22.66
N CYS B 1251 -37.71 35.92 -22.44
CA CYS B 1251 -37.52 35.24 -21.16
C CYS B 1251 -36.11 34.66 -21.10
N ASP B 1252 -35.63 34.47 -19.87
CA ASP B 1252 -34.36 33.81 -19.61
C ASP B 1252 -34.47 33.04 -18.31
N GLN B 1253 -33.88 31.83 -18.27
CA GLN B 1253 -34.03 30.96 -17.11
C GLN B 1253 -32.74 30.17 -16.88
N THR B 1254 -32.50 29.82 -15.63
CA THR B 1254 -31.34 29.03 -15.27
C THR B 1254 -31.59 27.56 -15.61
N PHE B 1255 -30.56 26.88 -16.13
CA PHE B 1255 -30.73 25.55 -16.70
C PHE B 1255 -30.31 24.50 -15.69
N LEU B 1256 -31.25 24.14 -14.81
CA LEU B 1256 -31.08 23.00 -13.90
C LEU B 1256 -31.71 21.74 -14.47
N PHE B 1257 -31.32 21.39 -15.70
CA PHE B 1257 -31.88 20.21 -16.35
C PHE B 1257 -31.46 18.95 -15.62
N LEU B 1258 -32.34 17.95 -15.65
CA LEU B 1258 -32.10 16.67 -15.01
C LEU B 1258 -32.63 15.55 -15.90
N GLY B 1259 -32.08 14.36 -15.69
CA GLY B 1259 -32.49 13.20 -16.46
C GLY B 1259 -31.91 11.90 -15.96
N ALA B 1265 -38.61 14.69 -11.15
CA ALA B 1265 -39.69 15.66 -11.27
C ALA B 1265 -39.64 16.36 -12.62
N ASP B 1266 -38.43 16.68 -13.08
CA ASP B 1266 -38.27 17.35 -14.36
C ASP B 1266 -38.58 16.40 -15.51
N ALA B 1267 -39.21 16.94 -16.54
CA ALA B 1267 -39.56 16.17 -17.74
C ALA B 1267 -38.34 16.07 -18.62
N ALA B 1268 -37.60 14.97 -18.47
CA ALA B 1268 -36.37 14.79 -19.22
C ALA B 1268 -36.63 14.55 -20.71
N SER B 1269 -37.80 14.04 -21.05
CA SER B 1269 -38.05 13.79 -22.46
C SER B 1269 -37.99 15.06 -23.30
N ILE B 1270 -38.49 16.17 -22.77
CA ILE B 1270 -38.45 17.41 -23.53
C ILE B 1270 -37.63 18.51 -22.89
N LEU B 1271 -36.73 19.08 -23.67
CA LEU B 1271 -35.80 20.14 -23.24
C LEU B 1271 -36.12 21.58 -23.61
N LYS B 1272 -37.23 21.83 -24.29
CA LYS B 1272 -37.61 23.19 -24.72
C LYS B 1272 -38.20 24.15 -23.68
N CYS B 1273 -37.95 25.45 -23.88
CA CYS B 1273 -38.49 26.49 -23.04
C CYS B 1273 -40.01 26.44 -23.04
N LYS B 1274 -40.63 27.38 -22.30
CA LYS B 1274 -42.08 27.53 -22.39
C LYS B 1274 -42.50 27.91 -23.80
N CYS B 1275 -41.64 28.63 -24.50
CA CYS B 1275 -41.88 29.00 -25.88
C CYS B 1275 -41.82 27.78 -26.79
N GLY B 1276 -42.20 27.98 -28.05
CA GLY B 1276 -42.15 26.88 -29.01
C GLY B 1276 -40.73 26.50 -29.40
N ASN B 1277 -39.80 27.45 -29.28
CA ASN B 1277 -38.43 27.21 -29.69
C ASN B 1277 -37.76 26.17 -28.79
N ASP B 1278 -36.87 25.37 -29.38
CA ASP B 1278 -36.22 24.29 -28.65
C ASP B 1278 -34.97 24.78 -27.92
N ILE B 1279 -34.57 26.03 -28.17
CA ILE B 1279 -33.38 26.69 -27.62
C ILE B 1279 -32.17 25.76 -27.65
N TYR B 1280 -32.13 24.87 -28.65
CA TYR B 1280 -31.03 23.93 -28.77
C TYR B 1280 -29.71 24.64 -29.07
N ILE B 1281 -29.72 25.54 -30.05
CA ILE B 1281 -28.47 26.13 -30.55
C ILE B 1281 -27.82 27.00 -29.49
N GLN B 1282 -28.61 27.84 -28.82
CA GLN B 1282 -28.07 28.68 -27.77
C GLN B 1282 -27.54 27.83 -26.62
N LEU B 1283 -28.21 26.73 -26.31
CA LEU B 1283 -27.70 25.81 -25.28
C LEU B 1283 -26.33 25.26 -25.66
N LYS B 1284 -26.19 24.78 -26.90
CA LYS B 1284 -24.91 24.23 -27.34
C LYS B 1284 -23.81 25.28 -27.27
N ASN B 1285 -24.10 26.49 -27.76
CA ASN B 1285 -23.10 27.55 -27.73
C ASN B 1285 -22.71 27.92 -26.29
N LYS B 1286 -23.70 27.99 -25.39
CA LYS B 1286 -23.39 28.35 -24.01
C LYS B 1286 -22.55 27.27 -23.34
N ILE B 1287 -22.83 26.00 -23.63
CA ILE B 1287 -21.99 24.93 -23.10
C ILE B 1287 -20.56 25.08 -23.61
N ALA B 1288 -20.40 25.37 -24.90
CA ALA B 1288 -19.06 25.54 -25.45
C ALA B 1288 -18.32 26.67 -24.73
N LEU B 1289 -18.97 27.83 -24.59
CA LEU B 1289 -18.32 28.96 -23.93
C LEU B 1289 -17.99 28.65 -22.47
N VAL B 1290 -18.91 28.01 -21.74
CA VAL B 1290 -18.66 27.79 -20.33
C VAL B 1290 -17.54 26.77 -20.11
N VAL B 1291 -17.47 25.73 -20.96
CA VAL B 1291 -16.39 24.77 -20.80
C VAL B 1291 -15.05 25.39 -21.18
N LYS B 1292 -15.04 26.24 -22.22
CA LYS B 1292 -13.81 26.95 -22.56
C LYS B 1292 -13.35 27.84 -21.41
N GLU B 1293 -14.29 28.56 -20.79
CA GLU B 1293 -13.93 29.42 -19.67
C GLU B 1293 -13.40 28.61 -18.50
N LEU B 1294 -14.02 27.46 -18.22
CA LEU B 1294 -13.56 26.63 -17.12
C LEU B 1294 -12.13 26.15 -17.37
N ILE B 1295 -11.85 25.66 -18.58
CA ILE B 1295 -10.51 25.17 -18.89
C ILE B 1295 -9.50 26.31 -18.76
N ARG B 1296 -9.80 27.47 -19.35
CA ARG B 1296 -8.87 28.59 -19.31
C ARG B 1296 -8.66 29.10 -17.89
N ASN B 1297 -9.69 29.02 -17.05
CA ASN B 1297 -9.51 29.37 -15.64
C ASN B 1297 -8.59 28.38 -14.94
N PHE B 1298 -8.73 27.09 -15.27
CA PHE B 1298 -7.88 26.09 -14.62
C PHE B 1298 -6.42 26.25 -15.02
N GLU B 1299 -6.14 26.48 -16.31
CA GLU B 1299 -4.77 26.39 -16.79
C GLU B 1299 -3.86 27.45 -16.20
N GLU B 1300 -4.40 28.53 -15.63
CA GLU B 1300 -3.59 29.56 -14.99
C GLU B 1300 -3.31 29.16 -13.53
N ASN B 1301 -2.44 28.17 -13.40
CA ASN B 1301 -2.10 27.64 -12.08
C ASN B 1301 -1.48 28.72 -11.19
N ALA B 1302 -1.91 28.75 -9.93
CA ALA B 1302 -1.37 29.68 -8.95
C ALA B 1302 -1.29 28.96 -7.60
N ILE B 1303 -0.17 29.12 -6.92
CA ILE B 1303 0.04 28.45 -5.64
C ILE B 1303 -0.28 29.42 -4.49
N GLN B 1304 -0.48 28.86 -3.31
CA GLN B 1304 -0.81 29.64 -2.13
C GLN B 1304 0.47 30.10 -1.45
N ILE B 1305 0.54 31.40 -1.14
CA ILE B 1305 1.72 31.96 -0.47
C ILE B 1305 1.90 31.29 0.89
N ASP B 1306 3.15 31.11 1.28
CA ASP B 1306 3.48 30.46 2.54
C ASP B 1306 3.15 31.39 3.71
N ASN B 1307 3.51 30.96 4.92
CA ASN B 1307 3.24 31.70 6.15
C ASN B 1307 1.74 31.94 6.33
N GLU B 1308 0.94 30.95 5.94
CA GLU B 1308 -0.52 30.95 6.11
C GLU B 1308 -1.18 32.16 5.48
N GLU B 1309 -0.68 32.62 4.33
CA GLU B 1309 -1.26 33.74 3.62
C GLU B 1309 -2.12 33.25 2.47
N PHE B 1310 -3.31 33.82 2.33
CA PHE B 1310 -4.24 33.42 1.29
C PHE B 1310 -3.94 34.07 -0.06
N GLU B 1311 -2.97 34.97 -0.12
CA GLU B 1311 -2.56 35.52 -1.41
C GLU B 1311 -1.95 34.44 -2.27
N TYR B 1312 -2.01 34.63 -3.58
CA TYR B 1312 -1.55 33.64 -4.54
C TYR B 1312 -0.65 34.28 -5.58
N THR B 1313 0.29 33.49 -6.09
CA THR B 1313 1.20 33.93 -7.14
C THR B 1313 1.33 32.84 -8.18
N HIS B 1314 1.66 33.24 -9.40
CA HIS B 1314 1.91 32.31 -10.49
C HIS B 1314 3.39 31.99 -10.67
N GLN B 1315 4.27 32.65 -9.93
CA GLN B 1315 5.71 32.41 -10.02
C GLN B 1315 6.10 31.37 -8.99
N ILE B 1316 6.53 30.20 -9.46
CA ILE B 1316 6.90 29.09 -8.59
C ILE B 1316 8.41 29.01 -8.50
N SER B 1317 8.92 28.95 -7.27
CA SER B 1317 10.35 28.96 -6.99
C SER B 1317 10.87 27.55 -6.79
N LEU B 1318 12.17 27.38 -7.02
CA LEU B 1318 12.78 26.06 -6.89
C LEU B 1318 12.95 25.64 -5.44
N VAL B 1319 13.06 26.58 -4.51
CA VAL B 1319 13.20 26.27 -3.11
C VAL B 1319 11.90 26.49 -2.34
N GLY B 1320 10.79 26.67 -3.05
CA GLY B 1320 9.51 26.87 -2.38
C GLY B 1320 9.09 25.61 -1.64
N LYS B 1321 8.69 25.78 -0.38
CA LYS B 1321 8.26 24.66 0.45
C LYS B 1321 6.77 24.38 0.32
N ALA B 1322 5.94 25.42 0.33
CA ALA B 1322 4.50 25.23 0.26
C ALA B 1322 4.08 24.69 -1.10
N LYS B 1323 3.00 23.91 -1.10
CA LYS B 1323 2.46 23.34 -2.33
C LYS B 1323 0.95 23.18 -2.14
N GLN B 1324 0.19 24.11 -2.71
CA GLN B 1324 -1.27 24.03 -2.67
C GLN B 1324 -1.82 24.89 -3.78
N GLN B 1325 -2.44 24.26 -4.78
CA GLN B 1325 -3.00 25.00 -5.89
C GLN B 1325 -4.30 25.69 -5.48
N LYS B 1326 -4.58 26.82 -6.13
CA LYS B 1326 -5.83 27.52 -5.87
C LYS B 1326 -7.04 26.69 -6.26
N MET B 1327 -6.95 26.00 -7.40
CA MET B 1327 -8.03 25.14 -7.89
C MET B 1327 -7.43 23.80 -8.26
N SER B 1328 -7.45 22.87 -7.31
CA SER B 1328 -6.92 21.53 -7.55
C SER B 1328 -7.77 20.80 -8.59
N SER B 1329 -7.13 19.86 -9.29
CA SER B 1329 -7.79 19.15 -10.37
C SER B 1329 -9.03 18.39 -9.91
N PHE B 1330 -9.12 18.06 -8.62
CA PHE B 1330 -10.29 17.35 -8.12
C PHE B 1330 -11.57 18.17 -8.33
N THR B 1331 -11.51 19.47 -8.02
CA THR B 1331 -12.70 20.31 -8.17
C THR B 1331 -13.13 20.40 -9.62
N LEU B 1332 -12.19 20.60 -10.54
CA LEU B 1332 -12.55 20.68 -11.95
C LEU B 1332 -13.09 19.35 -12.45
N ASN B 1333 -12.50 18.23 -12.04
CA ASN B 1333 -13.02 16.94 -12.46
C ASN B 1333 -14.45 16.74 -11.95
N GLN B 1334 -14.72 17.13 -10.70
CA GLN B 1334 -16.07 17.02 -10.17
C GLN B 1334 -17.04 17.90 -10.95
N LYS B 1335 -16.63 19.12 -11.28
CA LYS B 1335 -17.51 20.02 -12.03
C LYS B 1335 -17.80 19.48 -13.42
N LEU B 1336 -16.78 18.99 -14.12
CA LEU B 1336 -16.99 18.43 -15.45
C LEU B 1336 -17.88 17.20 -15.39
N LEU B 1337 -17.67 16.35 -14.38
CA LEU B 1337 -18.52 15.16 -14.25
C LEU B 1337 -19.96 15.55 -13.96
N SER B 1338 -20.16 16.59 -13.15
CA SER B 1338 -21.51 17.08 -12.88
C SER B 1338 -22.18 17.58 -14.16
N ILE B 1339 -21.46 18.39 -14.93
CA ILE B 1339 -22.04 18.92 -16.17
C ILE B 1339 -22.32 17.80 -17.15
N GLN B 1340 -21.54 16.72 -17.10
CA GLN B 1340 -21.85 15.57 -17.94
C GLN B 1340 -23.10 14.85 -17.44
N ALA B 1341 -23.21 14.63 -16.14
CA ALA B 1341 -24.29 13.83 -15.59
C ALA B 1341 -25.63 14.57 -15.56
N MET B 1342 -25.61 15.90 -15.70
CA MET B 1342 -26.86 16.65 -15.69
C MET B 1342 -27.64 16.53 -17.00
N PHE B 1343 -27.11 15.80 -17.98
CA PHE B 1343 -27.73 15.74 -19.29
C PHE B 1343 -28.00 14.31 -19.77
N ASP B 1344 -27.55 13.30 -19.03
CA ASP B 1344 -27.73 11.92 -19.46
C ASP B 1344 -29.17 11.45 -19.22
N ILE B 1345 -29.53 10.36 -19.89
CA ILE B 1345 -30.87 9.78 -19.80
C ILE B 1345 -30.75 8.27 -19.68
N THR B 1346 -31.58 7.67 -18.84
CA THR B 1346 -31.64 6.23 -18.70
C THR B 1346 -32.30 5.61 -19.93
N LYS B 1347 -31.95 4.36 -20.22
CA LYS B 1347 -32.45 3.69 -21.42
C LYS B 1347 -33.96 3.52 -21.39
N GLU B 1348 -34.57 3.44 -20.20
CA GLU B 1348 -36.01 3.27 -20.13
C GLU B 1348 -36.75 4.50 -20.65
N GLU B 1349 -36.25 5.69 -20.32
CA GLU B 1349 -36.96 6.92 -20.69
C GLU B 1349 -36.84 7.24 -22.18
N GLN B 1350 -35.74 6.86 -22.83
CA GLN B 1350 -35.50 7.30 -24.20
C GLN B 1350 -36.37 6.54 -25.19
N GLU B 1351 -36.72 5.29 -24.91
CA GLU B 1351 -37.45 4.49 -25.88
C GLU B 1351 -38.87 4.99 -26.14
N ASN B 1352 -39.40 5.84 -25.27
CA ASN B 1352 -40.77 6.32 -25.39
C ASN B 1352 -40.88 7.60 -26.22
N THR B 1353 -39.78 8.15 -26.71
CA THR B 1353 -39.80 9.39 -27.46
C THR B 1353 -39.16 9.20 -28.84
N GLN B 1354 -39.22 10.25 -29.64
CA GLN B 1354 -38.70 10.20 -31.00
C GLN B 1354 -37.17 10.09 -30.99
N LYS B 1355 -36.63 9.58 -32.10
CA LYS B 1355 -35.19 9.40 -32.21
C LYS B 1355 -34.45 10.72 -32.37
N VAL B 1356 -35.10 11.76 -32.85
CA VAL B 1356 -34.42 13.03 -33.10
C VAL B 1356 -33.93 13.64 -31.79
N THR B 1357 -34.80 13.66 -30.77
CA THR B 1357 -34.41 14.26 -29.50
C THR B 1357 -33.28 13.48 -28.84
N ILE B 1358 -33.35 12.15 -28.87
CA ILE B 1358 -32.31 11.37 -28.21
C ILE B 1358 -30.98 11.47 -28.96
N GLU B 1359 -31.04 11.53 -30.30
CA GLU B 1359 -29.79 11.68 -31.04
C GLU B 1359 -29.18 13.05 -30.81
N LYS B 1360 -30.01 14.08 -30.66
CA LYS B 1360 -29.48 15.40 -30.29
C LYS B 1360 -28.88 15.34 -28.89
N ILE B 1361 -29.50 14.59 -27.98
CA ILE B 1361 -28.97 14.46 -26.62
C ILE B 1361 -27.58 13.82 -26.65
N LYS B 1362 -27.41 12.75 -27.42
CA LYS B 1362 -26.08 12.14 -27.45
C LYS B 1362 -25.09 13.00 -28.22
N THR B 1363 -25.55 13.78 -29.20
CA THR B 1363 -24.67 14.71 -29.90
C THR B 1363 -24.11 15.75 -28.93
N ILE B 1364 -24.95 16.28 -28.05
CA ILE B 1364 -24.45 17.19 -27.02
C ILE B 1364 -23.59 16.46 -26.01
N LYS B 1365 -23.96 15.22 -25.66
CA LYS B 1365 -23.24 14.49 -24.62
C LYS B 1365 -21.81 14.19 -25.02
N LYS B 1366 -21.59 13.79 -26.28
CA LYS B 1366 -20.25 13.39 -26.69
C LYS B 1366 -19.27 14.55 -26.59
N THR B 1367 -19.74 15.78 -26.75
CA THR B 1367 -18.86 16.95 -26.68
C THR B 1367 -18.16 17.04 -25.33
N LEU B 1368 -18.81 16.59 -24.27
CA LEU B 1368 -18.17 16.53 -22.96
C LEU B 1368 -17.59 15.16 -22.65
N ASP B 1369 -18.17 14.09 -23.22
CA ASP B 1369 -17.68 12.74 -22.97
C ASP B 1369 -16.26 12.58 -23.49
N ASP B 1370 -15.98 13.08 -24.70
CA ASP B 1370 -14.64 12.97 -25.24
C ASP B 1370 -13.63 13.79 -24.44
N LEU B 1371 -14.04 14.96 -23.96
CA LEU B 1371 -13.15 15.76 -23.12
C LEU B 1371 -12.87 15.08 -21.80
N LEU B 1372 -13.84 14.32 -21.26
CA LEU B 1372 -13.58 13.54 -20.07
C LEU B 1372 -12.65 12.36 -20.36
N SER B 1373 -12.80 11.76 -21.54
CA SER B 1373 -12.04 10.55 -21.86
C SER B 1373 -10.54 10.80 -21.92
N LYS B 1374 -10.12 12.02 -22.27
CA LYS B 1374 -8.72 12.31 -22.49
C LYS B 1374 -8.01 12.87 -21.26
N SER B 1375 -8.71 13.05 -20.14
CA SER B 1375 -8.09 13.61 -18.96
C SER B 1375 -7.03 12.66 -18.40
N GLN B 1376 -6.06 13.24 -17.70
CA GLN B 1376 -5.02 12.47 -17.03
C GLN B 1376 -5.24 12.40 -15.53
N TYR B 1377 -6.42 12.78 -15.06
CA TYR B 1377 -6.84 12.62 -13.67
C TYR B 1377 -8.08 11.75 -13.55
N ASN B 1378 -9.02 11.89 -14.47
CA ASN B 1378 -10.16 10.97 -14.50
C ASN B 1378 -9.69 9.54 -14.76
N ASN B 1379 -8.89 9.33 -15.80
CA ASN B 1379 -8.24 8.06 -16.01
C ASN B 1379 -7.13 7.89 -15.00
N LEU B 1380 -7.07 6.72 -14.37
CA LEU B 1380 -6.11 6.45 -13.30
C LEU B 1380 -5.28 5.23 -13.68
N ASN B 1381 -3.96 5.39 -13.68
CA ASN B 1381 -3.03 4.29 -13.84
C ASN B 1381 -2.43 3.98 -12.48
N LEU B 1382 -2.87 2.89 -11.88
CA LEU B 1382 -2.58 2.58 -10.48
C LEU B 1382 -1.46 1.56 -10.30
N SER B 1383 -0.65 1.32 -11.34
CA SER B 1383 0.50 0.44 -11.18
C SER B 1383 1.48 1.00 -10.15
N ASN B 1384 1.86 2.27 -10.31
CA ASN B 1384 2.88 2.87 -9.47
C ASN B 1384 2.38 3.17 -8.05
N ILE B 1385 1.09 3.01 -7.78
CA ILE B 1385 0.60 3.34 -6.45
C ILE B 1385 0.91 2.23 -5.46
N PHE B 1386 1.10 1.00 -5.94
CA PHE B 1386 1.50 -0.08 -5.05
C PHE B 1386 2.68 -0.91 -5.56
N THR B 1387 3.18 -0.67 -6.77
CA THR B 1387 4.38 -1.38 -7.19
C THR B 1387 5.59 -0.99 -6.36
N SER B 1388 5.55 0.16 -5.69
CA SER B 1388 6.58 0.55 -4.74
C SER B 1388 6.54 -0.28 -3.46
N PHE B 1389 5.49 -1.07 -3.25
CA PHE B 1389 5.36 -1.91 -2.07
C PHE B 1389 5.72 -3.36 -2.35
N GLY B 1390 6.35 -3.65 -3.48
CA GLY B 1390 6.77 -5.00 -3.79
C GLY B 1390 5.66 -5.86 -4.36
N LEU B 1391 5.02 -5.39 -5.42
CA LEU B 1391 3.97 -6.13 -6.10
C LEU B 1391 4.09 -5.90 -7.60
N LEU B 1392 3.93 -6.97 -8.37
CA LEU B 1392 4.03 -6.87 -9.82
C LEU B 1392 2.88 -6.05 -10.41
N LEU C 31 1.81 -19.45 -25.12
CA LEU C 31 0.38 -19.19 -25.09
C LEU C 31 -0.28 -19.98 -23.96
N ASN C 32 -0.11 -21.31 -23.98
CA ASN C 32 -0.66 -22.14 -22.92
C ASN C 32 0.01 -21.88 -21.58
N LYS C 33 1.33 -21.64 -21.61
CA LYS C 33 2.07 -21.42 -20.37
C LYS C 33 1.61 -20.17 -19.65
N GLN C 34 1.33 -19.09 -20.40
CA GLN C 34 0.85 -17.88 -19.74
C GLN C 34 -0.59 -18.05 -19.24
N ILE C 35 -1.39 -18.87 -19.91
CA ILE C 35 -2.70 -19.22 -19.37
C ILE C 35 -2.54 -19.95 -18.04
N LYS C 36 -1.61 -20.89 -17.97
CA LYS C 36 -1.38 -21.62 -16.72
C LYS C 36 -0.91 -20.67 -15.62
N GLU C 37 0.00 -19.76 -15.94
CA GLU C 37 0.49 -18.83 -14.93
C GLU C 37 -0.61 -17.89 -14.46
N GLU C 38 -1.44 -17.40 -15.38
CA GLU C 38 -2.54 -16.54 -14.98
C GLU C 38 -3.56 -17.28 -14.15
N GLU C 39 -3.79 -18.56 -14.43
CA GLU C 39 -4.67 -19.36 -13.57
C GLU C 39 -4.08 -19.54 -12.18
N ARG C 40 -2.78 -19.82 -12.11
CA ARG C 40 -2.14 -19.95 -10.81
C ARG C 40 -2.26 -18.67 -10.01
N ASN C 41 -2.05 -17.52 -10.66
CA ASN C 41 -2.22 -16.25 -9.98
C ASN C 41 -3.68 -15.98 -9.64
N TYR C 42 -4.62 -16.54 -10.41
CA TYR C 42 -6.03 -16.34 -10.12
C TYR C 42 -6.43 -17.07 -8.84
N ILE C 43 -6.08 -18.34 -8.73
CA ILE C 43 -6.46 -19.08 -7.52
C ILE C 43 -5.59 -18.69 -6.32
N LEU C 44 -4.26 -18.75 -6.45
CA LEU C 44 -3.42 -18.43 -5.30
C LEU C 44 -3.52 -16.95 -4.94
N LEU C 45 -3.66 -16.08 -5.94
CA LEU C 45 -4.00 -14.67 -5.73
C LEU C 45 -2.96 -13.96 -4.86
N GLU C 46 -1.74 -13.89 -5.39
CA GLU C 46 -0.62 -13.33 -4.64
C GLU C 46 0.12 -12.21 -5.36
N ASN C 47 -0.06 -12.04 -6.68
CA ASN C 47 0.62 -11.00 -7.42
C ASN C 47 -0.40 -10.25 -8.28
N ALA C 48 -0.14 -8.96 -8.49
CA ALA C 48 -1.09 -8.05 -9.09
C ALA C 48 -0.79 -7.86 -10.58
N ILE C 49 -1.64 -7.07 -11.24
CA ILE C 49 -1.54 -6.78 -12.67
C ILE C 49 -1.75 -5.28 -12.87
N ASP C 50 -1.77 -4.88 -14.14
CA ASP C 50 -2.01 -3.50 -14.55
C ASP C 50 -3.39 -3.40 -15.21
N ASN C 51 -4.01 -2.23 -15.05
CA ASN C 51 -5.37 -2.02 -15.54
C ASN C 51 -5.51 -0.83 -16.48
N SER C 52 -4.41 -0.14 -16.81
CA SER C 52 -4.52 1.04 -17.66
C SER C 52 -5.03 0.68 -19.05
N ASN C 53 -4.53 -0.42 -19.62
CA ASN C 53 -4.93 -0.83 -20.95
C ASN C 53 -6.24 -1.62 -20.97
N ILE C 54 -6.75 -2.02 -19.80
CA ILE C 54 -8.01 -2.76 -19.75
C ILE C 54 -9.16 -1.82 -20.06
N GLN C 55 -10.10 -2.29 -20.87
CA GLN C 55 -11.17 -1.42 -21.36
C GLN C 55 -12.04 -0.89 -20.24
N GLY C 56 -12.41 -1.75 -19.29
CA GLY C 56 -13.41 -1.38 -18.31
C GLY C 56 -12.93 -0.53 -17.16
N PHE C 57 -12.00 -1.07 -16.36
CA PHE C 57 -11.61 -0.45 -15.09
C PHE C 57 -10.47 0.54 -15.33
N GLN C 58 -10.86 1.76 -15.72
CA GLN C 58 -9.92 2.85 -15.95
C GLN C 58 -10.15 4.04 -15.02
N THR C 59 -11.39 4.53 -14.96
CA THR C 59 -11.67 5.76 -14.22
C THR C 59 -11.66 5.51 -12.72
N ILE C 60 -11.49 6.61 -11.97
CA ILE C 60 -11.46 6.53 -10.52
C ILE C 60 -12.83 6.11 -9.97
N GLN C 61 -13.90 6.34 -10.74
CA GLN C 61 -15.24 6.04 -10.23
C GLN C 61 -15.50 4.54 -10.18
N GLU C 62 -15.09 3.80 -11.21
CA GLU C 62 -15.39 2.37 -11.27
C GLU C 62 -14.67 1.61 -10.16
N ILE C 63 -13.43 1.99 -9.87
CA ILE C 63 -12.65 1.29 -8.85
C ILE C 63 -13.31 1.42 -7.49
N VAL C 64 -14.06 2.50 -7.26
CA VAL C 64 -14.72 2.68 -5.96
C VAL C 64 -15.74 1.58 -5.73
N GLN C 65 -16.64 1.36 -6.69
CA GLN C 65 -17.63 0.31 -6.53
C GLN C 65 -16.99 -1.07 -6.59
N LEU C 66 -15.92 -1.22 -7.39
CA LEU C 66 -15.24 -2.52 -7.46
C LEU C 66 -14.65 -2.89 -6.11
N ALA C 67 -14.06 -1.92 -5.41
CA ALA C 67 -13.49 -2.18 -4.09
C ALA C 67 -14.58 -2.32 -3.03
N MET C 68 -15.73 -1.65 -3.22
CA MET C 68 -16.80 -1.76 -2.25
C MET C 68 -17.49 -3.13 -2.30
N GLN C 69 -17.64 -3.70 -3.49
CA GLN C 69 -18.40 -4.95 -3.62
C GLN C 69 -17.74 -6.10 -2.85
N ARG C 70 -16.42 -6.26 -3.02
CA ARG C 70 -15.74 -7.36 -2.35
C ARG C 70 -15.77 -7.19 -0.84
N MET C 71 -15.60 -5.96 -0.34
CA MET C 71 -15.64 -5.75 1.10
C MET C 71 -17.04 -6.03 1.64
N LYS C 72 -18.07 -5.66 0.89
CA LYS C 72 -19.43 -6.02 1.29
C LYS C 72 -19.60 -7.53 1.40
N MET C 73 -19.12 -8.26 0.40
CA MET C 73 -19.25 -9.72 0.43
C MET C 73 -18.49 -10.31 1.61
N ILE C 74 -17.27 -9.81 1.87
CA ILE C 74 -16.48 -10.31 2.99
C ILE C 74 -17.20 -10.06 4.31
N LYS C 75 -17.74 -8.85 4.48
CA LYS C 75 -18.42 -8.52 5.73
C LYS C 75 -19.64 -9.41 5.94
N GLU C 76 -20.43 -9.65 4.88
CA GLU C 76 -21.60 -10.50 5.09
C GLU C 76 -21.20 -11.95 5.31
N ILE C 77 -20.10 -12.40 4.68
CA ILE C 77 -19.61 -13.76 4.91
C ILE C 77 -19.23 -13.95 6.37
N ILE C 78 -18.48 -13.00 6.93
CA ILE C 78 -18.09 -13.15 8.32
C ILE C 78 -19.30 -12.97 9.24
N GLN C 79 -20.29 -12.17 8.84
CA GLN C 79 -21.47 -11.99 9.67
C GLN C 79 -22.30 -13.27 9.76
N GLU C 80 -22.42 -13.99 8.64
CA GLU C 80 -23.19 -15.23 8.63
C GLU C 80 -22.25 -16.43 8.68
N GLU C 81 -22.45 -17.28 9.69
CA GLU C 81 -21.62 -18.46 9.85
C GLU C 81 -22.42 -19.62 10.46
N ASN C 94 -23.33 -22.32 2.13
CA ASN C 94 -23.95 -21.19 1.45
C ASN C 94 -22.90 -20.33 0.75
N TYR C 95 -21.64 -20.75 0.85
CA TYR C 95 -20.55 -19.96 0.31
C TYR C 95 -20.64 -19.83 -1.20
N ASN C 96 -20.93 -20.94 -1.89
CA ASN C 96 -21.17 -20.85 -3.33
C ASN C 96 -22.43 -20.04 -3.63
N ARG C 97 -23.45 -20.19 -2.78
CA ARG C 97 -24.67 -19.40 -2.91
C ARG C 97 -24.45 -17.93 -2.60
N ILE C 98 -23.30 -17.58 -2.02
CA ILE C 98 -22.95 -16.18 -1.84
C ILE C 98 -22.36 -15.59 -3.11
N ARG C 99 -21.44 -16.31 -3.75
CA ARG C 99 -20.78 -15.79 -4.94
C ARG C 99 -21.76 -15.53 -6.07
N VAL C 100 -22.84 -16.33 -6.16
CA VAL C 100 -23.83 -16.11 -7.20
C VAL C 100 -24.58 -14.81 -6.98
N ALA C 101 -24.60 -14.31 -5.75
CA ALA C 101 -25.26 -13.04 -5.49
C ALA C 101 -24.46 -11.86 -6.02
N ASN C 102 -23.13 -11.92 -5.87
CA ASN C 102 -22.26 -10.80 -6.23
C ASN C 102 -21.56 -10.98 -7.57
N LYS C 103 -21.98 -11.96 -8.37
CA LYS C 103 -21.57 -12.12 -9.77
C LYS C 103 -20.08 -12.42 -9.90
N PHE C 104 -19.43 -12.90 -8.85
CA PHE C 104 -17.99 -13.13 -8.86
C PHE C 104 -17.58 -14.44 -9.51
N ILE C 105 -18.53 -15.20 -10.09
CA ILE C 105 -18.17 -16.46 -10.71
C ILE C 105 -17.37 -16.20 -11.98
N THR C 106 -16.38 -17.05 -12.23
CA THR C 106 -15.69 -17.04 -13.52
C THR C 106 -16.70 -17.35 -14.62
N VAL C 107 -16.85 -16.42 -15.56
CA VAL C 107 -17.90 -16.49 -16.56
C VAL C 107 -17.65 -17.65 -17.52
N ALA C 108 -18.72 -18.24 -18.00
CA ALA C 108 -18.66 -19.30 -19.01
C ALA C 108 -19.22 -18.75 -20.32
N ILE C 109 -18.40 -18.84 -21.37
CA ILE C 109 -18.77 -18.28 -22.67
C ILE C 109 -18.00 -19.05 -23.74
N PRO C 110 -18.64 -19.47 -24.83
CA PRO C 110 -17.93 -20.25 -25.85
C PRO C 110 -16.89 -19.42 -26.59
N LYS C 111 -15.91 -20.14 -27.15
CA LYS C 111 -14.85 -19.49 -27.90
C LYS C 111 -15.38 -18.78 -29.15
N SER C 112 -16.46 -19.31 -29.74
CA SER C 112 -17.03 -18.71 -30.94
C SER C 112 -17.62 -17.33 -30.70
N ASP C 113 -17.83 -16.94 -29.45
CA ASP C 113 -18.38 -15.62 -29.14
C ASP C 113 -17.38 -14.54 -29.55
N PRO C 114 -17.83 -13.47 -30.20
CA PRO C 114 -16.91 -12.39 -30.58
C PRO C 114 -16.36 -11.67 -29.37
N GLU C 115 -15.28 -10.92 -29.60
CA GLU C 115 -14.50 -10.25 -28.56
C GLU C 115 -14.35 -11.13 -27.32
N TYR C 116 -13.92 -12.38 -27.56
CA TYR C 116 -13.80 -13.36 -26.49
C TYR C 116 -12.77 -12.92 -25.45
N GLU C 117 -11.66 -12.34 -25.89
CA GLU C 117 -10.61 -11.95 -24.98
C GLU C 117 -11.07 -10.88 -23.98
N LEU C 118 -12.12 -10.14 -24.31
CA LEU C 118 -12.62 -9.13 -23.38
C LEU C 118 -13.22 -9.77 -22.13
N LYS C 119 -13.94 -10.87 -22.29
CA LYS C 119 -14.66 -11.47 -21.16
C LYS C 119 -13.70 -11.96 -20.08
N ASN C 120 -12.73 -12.78 -20.47
CA ASN C 120 -11.81 -13.34 -19.47
C ASN C 120 -10.89 -12.28 -18.90
N LYS C 121 -10.46 -11.31 -19.72
CA LYS C 121 -9.66 -10.21 -19.20
C LYS C 121 -10.43 -9.41 -18.16
N GLN C 122 -11.72 -9.14 -18.44
CA GLN C 122 -12.55 -8.46 -17.47
C GLN C 122 -12.71 -9.29 -16.20
N GLN C 123 -12.98 -10.60 -16.36
CA GLN C 123 -13.14 -11.46 -15.20
C GLN C 123 -11.84 -11.61 -14.42
N TYR C 124 -10.73 -11.77 -15.14
CA TYR C 124 -9.44 -11.86 -14.46
C TYR C 124 -9.10 -10.57 -13.74
N ALA C 125 -9.43 -9.42 -14.35
CA ALA C 125 -9.16 -8.14 -13.72
C ALA C 125 -9.93 -7.97 -12.42
N LYS C 126 -11.17 -8.43 -12.39
CA LYS C 126 -12.01 -8.23 -11.22
C LYS C 126 -11.41 -8.87 -9.98
N GLU C 127 -11.07 -10.15 -10.06
CA GLU C 127 -10.64 -10.87 -8.87
C GLU C 127 -9.29 -10.39 -8.36
N VAL C 128 -8.33 -10.16 -9.27
CA VAL C 128 -6.99 -9.76 -8.85
C VAL C 128 -7.01 -8.37 -8.23
N LEU C 129 -7.66 -7.42 -8.91
CA LEU C 129 -7.68 -6.05 -8.40
C LEU C 129 -8.44 -5.95 -7.09
N SER C 130 -9.52 -6.71 -6.94
CA SER C 130 -10.36 -6.60 -5.76
C SER C 130 -9.59 -6.99 -4.50
N HIS C 131 -8.79 -8.04 -4.57
CA HIS C 131 -8.17 -8.60 -3.37
C HIS C 131 -7.13 -7.66 -2.78
N PHE C 132 -6.25 -7.10 -3.63
CA PHE C 132 -5.15 -6.28 -3.12
C PHE C 132 -5.67 -4.99 -2.51
N LEU C 133 -6.70 -4.39 -3.12
CA LEU C 133 -7.26 -3.16 -2.56
C LEU C 133 -7.84 -3.42 -1.17
N CYS C 134 -8.55 -4.53 -0.99
CA CYS C 134 -9.08 -4.86 0.32
C CYS C 134 -7.96 -5.15 1.31
N LYS C 135 -6.93 -5.87 0.88
CA LYS C 135 -5.80 -6.16 1.76
C LYS C 135 -5.08 -4.89 2.17
N MET C 136 -4.94 -3.94 1.25
CA MET C 136 -4.23 -2.70 1.54
C MET C 136 -4.89 -1.93 2.68
N ALA C 137 -6.21 -2.03 2.79
CA ALA C 137 -6.93 -1.30 3.83
C ALA C 137 -6.57 -1.81 5.22
N TYR C 138 -6.66 -3.14 5.42
CA TYR C 138 -6.42 -3.71 6.73
C TYR C 138 -4.96 -3.58 7.15
N ALA C 139 -4.03 -3.72 6.20
CA ALA C 139 -2.62 -3.75 6.54
C ALA C 139 -2.14 -2.40 7.08
N PHE C 140 -2.87 -1.33 6.79
CA PHE C 140 -2.46 0.02 7.17
C PHE C 140 -3.15 0.53 8.43
N TYR C 141 -4.43 0.24 8.61
CA TYR C 141 -5.23 0.87 9.67
C TYR C 141 -5.63 -0.08 10.78
N ALA C 142 -5.87 -1.35 10.47
CA ALA C 142 -6.34 -2.30 11.48
C ALA C 142 -5.18 -2.81 12.33
N GLU C 143 -5.51 -3.24 13.54
CA GLU C 143 -4.56 -3.80 14.48
C GLU C 143 -4.30 -5.27 14.18
N PRO C 144 -3.13 -5.79 14.58
CA PRO C 144 -2.86 -7.22 14.33
C PRO C 144 -3.87 -8.15 14.97
N GLU C 145 -4.50 -7.74 16.07
CA GLU C 145 -5.59 -8.50 16.65
C GLU C 145 -6.91 -8.31 15.92
N THR C 146 -6.89 -7.62 14.77
CA THR C 146 -8.07 -7.43 13.96
C THR C 146 -7.91 -7.90 12.52
N TRP C 147 -6.72 -8.40 12.14
CA TRP C 147 -6.54 -8.93 10.79
C TRP C 147 -7.12 -10.33 10.64
N LEU C 148 -7.33 -11.05 11.75
CA LEU C 148 -7.78 -12.44 11.66
C LEU C 148 -9.13 -12.55 11.00
N GLU C 149 -9.99 -11.54 11.14
CA GLU C 149 -11.28 -11.54 10.47
C GLU C 149 -11.12 -11.56 8.96
N PHE C 150 -10.20 -10.78 8.42
CA PHE C 150 -9.97 -10.81 6.99
C PHE C 150 -9.34 -12.13 6.55
N ALA C 151 -8.41 -12.65 7.36
CA ALA C 151 -7.74 -13.90 7.00
C ALA C 151 -8.74 -15.05 6.89
N ARG C 152 -9.68 -15.12 7.83
CA ARG C 152 -10.68 -16.18 7.79
C ARG C 152 -11.57 -16.07 6.55
N ALA C 153 -12.00 -14.86 6.21
CA ALA C 153 -12.93 -14.69 5.10
C ALA C 153 -12.30 -15.11 3.77
N GLU C 154 -11.07 -14.65 3.51
CA GLU C 154 -10.41 -15.00 2.27
C GLU C 154 -10.04 -16.48 2.23
N ALA C 155 -9.71 -17.06 3.38
CA ALA C 155 -9.41 -18.49 3.42
C ALA C 155 -10.64 -19.30 3.05
N PHE C 156 -11.82 -18.90 3.53
CA PHE C 156 -13.03 -19.67 3.30
C PHE C 156 -13.41 -19.66 1.82
N ILE C 157 -13.35 -18.49 1.18
CA ILE C 157 -13.66 -18.44 -0.24
C ILE C 157 -12.62 -19.19 -1.05
N LEU C 158 -11.38 -19.29 -0.53
CA LEU C 158 -10.37 -20.10 -1.20
C LEU C 158 -10.77 -21.56 -1.27
N MET C 159 -11.32 -22.09 -0.16
CA MET C 159 -11.72 -23.48 -0.14
C MET C 159 -12.84 -23.75 -1.15
N ASP C 160 -13.78 -22.81 -1.29
CA ASP C 160 -14.84 -22.96 -2.27
C ASP C 160 -14.29 -22.99 -3.69
N LYS C 161 -13.30 -22.14 -3.97
CA LYS C 161 -12.71 -22.10 -5.32
C LYS C 161 -12.03 -23.43 -5.66
N LEU C 162 -11.29 -23.99 -4.71
CA LEU C 162 -10.65 -25.28 -4.95
C LEU C 162 -11.67 -26.41 -5.07
N LYS C 163 -12.71 -26.38 -4.23
CA LYS C 163 -13.71 -27.44 -4.24
C LYS C 163 -14.43 -27.50 -5.58
N SER C 164 -14.92 -26.36 -6.05
CA SER C 164 -15.57 -26.31 -7.36
C SER C 164 -14.58 -26.27 -8.50
N GLY C 165 -13.30 -25.99 -8.22
CA GLY C 165 -12.31 -25.94 -9.27
C GLY C 165 -12.06 -27.30 -9.89
N GLN C 166 -11.61 -27.29 -11.14
CA GLN C 166 -11.35 -28.54 -11.86
C GLN C 166 -10.11 -29.24 -11.31
N HIS C 167 -9.04 -28.49 -11.04
CA HIS C 167 -7.78 -29.06 -10.60
C HIS C 167 -7.29 -28.33 -9.36
N HIS C 168 -6.89 -29.09 -8.35
CA HIS C 168 -6.24 -28.57 -7.16
C HIS C 168 -4.75 -28.86 -7.14
N ALA C 169 -4.13 -28.99 -8.32
CA ALA C 169 -2.73 -29.38 -8.41
C ALA C 169 -1.79 -28.36 -7.76
N ASN C 170 -2.23 -27.11 -7.62
CA ASN C 170 -1.39 -26.10 -6.98
C ASN C 170 -1.10 -26.48 -5.54
N PHE C 171 -2.10 -26.96 -4.82
CA PHE C 171 -1.92 -27.41 -3.44
C PHE C 171 -1.78 -28.92 -3.32
N PHE C 172 -2.12 -29.68 -4.36
CA PHE C 172 -2.02 -31.13 -4.28
C PHE C 172 -0.57 -31.58 -4.10
N SER C 173 0.36 -30.97 -4.83
CA SER C 173 1.76 -31.35 -4.72
C SER C 173 2.32 -31.03 -3.33
N ASP C 174 1.95 -29.88 -2.79
CA ASP C 174 2.52 -29.46 -1.51
C ASP C 174 1.94 -30.26 -0.35
N GLU C 175 0.65 -30.61 -0.41
CA GLU C 175 0.06 -31.38 0.67
C GLU C 175 0.62 -32.81 0.72
N ASN C 176 1.12 -33.30 -0.41
CA ASN C 176 1.86 -34.56 -0.39
C ASN C 176 3.11 -34.46 0.48
N LEU C 177 3.72 -33.27 0.53
CA LEU C 177 4.91 -33.08 1.37
C LEU C 177 4.56 -33.15 2.85
N LYS C 178 3.31 -32.89 3.22
CA LYS C 178 2.90 -32.90 4.61
C LYS C 178 2.26 -34.22 5.03
N ILE C 179 1.44 -34.81 4.17
CA ILE C 179 0.74 -36.05 4.52
C ILE C 179 1.72 -37.22 4.51
N LYS C 180 1.59 -38.09 5.50
CA LYS C 180 2.40 -39.30 5.59
C LYS C 180 1.47 -40.46 5.91
N THR C 181 1.48 -41.49 5.08
CA THR C 181 0.56 -42.62 5.24
C THR C 181 0.77 -43.31 6.57
N ILE C 182 -0.33 -43.67 7.24
CA ILE C 182 -0.25 -44.37 8.50
C ILE C 182 0.34 -45.76 8.28
N SER C 183 1.34 -46.11 9.07
CA SER C 183 1.90 -47.46 9.02
C SER C 183 0.91 -48.45 9.62
N ASP C 184 0.85 -49.63 9.03
CA ASP C 184 -0.04 -50.68 9.55
C ASP C 184 0.36 -51.08 10.96
N GLU C 185 1.64 -50.94 11.30
CA GLU C 185 2.07 -51.20 12.67
C GLU C 185 1.44 -50.22 13.65
N LEU C 186 1.44 -48.93 13.29
CA LEU C 186 0.83 -47.93 14.16
C LEU C 186 -0.69 -47.97 14.10
N PHE C 187 -1.25 -48.46 12.99
CA PHE C 187 -2.71 -48.56 12.88
C PHE C 187 -3.27 -49.48 13.94
N LYS C 188 -2.62 -50.63 14.16
CA LYS C 188 -3.03 -51.54 15.23
C LYS C 188 -2.50 -51.11 16.59
N GLN C 189 -1.44 -50.31 16.63
CA GLN C 189 -0.85 -49.92 17.90
C GLN C 189 -1.81 -49.11 18.75
N ALA C 190 -2.53 -48.16 18.13
CA ALA C 190 -3.45 -47.28 18.84
C ALA C 190 -4.91 -47.57 18.50
N PHE C 191 -5.20 -48.80 18.05
CA PHE C 191 -6.56 -49.15 17.66
C PHE C 191 -7.60 -48.92 18.75
N PRO C 192 -7.38 -49.28 20.02
CA PRO C 192 -8.36 -48.90 21.05
C PRO C 192 -8.53 -47.40 21.19
N LYS C 193 -7.47 -46.63 21.00
CA LYS C 193 -7.56 -45.18 21.13
C LYS C 193 -8.29 -44.56 19.94
N ILE C 194 -8.04 -45.06 18.73
CA ILE C 194 -8.63 -44.47 17.53
C ILE C 194 -10.14 -44.58 17.57
N GLU C 195 -10.66 -45.78 17.88
CA GLU C 195 -12.10 -45.98 17.89
C GLU C 195 -12.78 -45.32 19.08
N ALA C 196 -12.01 -44.89 20.08
CA ALA C 196 -12.60 -44.19 21.22
C ALA C 196 -13.15 -42.82 20.80
N THR C 197 -12.35 -42.04 20.08
CA THR C 197 -12.78 -40.71 19.67
C THR C 197 -13.76 -40.77 18.50
N PHE C 198 -13.55 -41.69 17.58
CA PHE C 198 -14.38 -41.79 16.37
C PHE C 198 -15.52 -42.77 16.62
N SER C 199 -16.74 -42.26 16.64
CA SER C 199 -17.93 -43.07 16.87
C SER C 199 -18.91 -43.04 15.71
N SER C 200 -19.24 -41.85 15.20
CA SER C 200 -20.22 -41.72 14.14
C SER C 200 -19.56 -41.73 12.78
N ILE C 201 -20.26 -42.28 11.80
CA ILE C 201 -19.81 -42.34 10.42
C ILE C 201 -20.80 -41.58 9.56
N LYS C 202 -20.32 -40.57 8.85
CA LYS C 202 -21.17 -39.75 8.00
C LYS C 202 -20.56 -39.54 6.62
N ILE C 215 -12.21 -50.02 7.94
CA ILE C 215 -11.99 -48.60 8.20
C ILE C 215 -10.51 -48.27 8.09
N LYS C 216 -9.73 -49.19 7.49
CA LYS C 216 -8.31 -48.94 7.31
C LYS C 216 -8.07 -47.77 6.38
N LYS C 217 -8.81 -47.70 5.26
CA LYS C 217 -8.66 -46.59 4.34
C LYS C 217 -9.40 -45.34 4.79
N ASP C 218 -10.42 -45.48 5.65
CA ASP C 218 -11.13 -44.31 6.14
C ASP C 218 -10.20 -43.40 6.93
N ASN C 219 -9.37 -43.98 7.78
CA ASN C 219 -8.34 -43.20 8.45
C ASN C 219 -7.32 -42.71 7.43
N PHE C 220 -6.92 -41.46 7.57
CA PHE C 220 -6.13 -40.77 6.56
C PHE C 220 -4.66 -40.71 6.97
N LYS C 221 -3.81 -40.36 5.99
CA LYS C 221 -2.39 -40.22 6.23
C LYS C 221 -2.12 -39.29 7.40
N MET C 222 -1.08 -39.61 8.16
CA MET C 222 -0.80 -39.00 9.44
C MET C 222 0.29 -37.92 9.30
N PHE C 223 0.46 -37.13 10.36
CA PHE C 223 1.35 -35.98 10.37
C PHE C 223 2.38 -36.11 11.48
N LYS C 224 3.50 -35.42 11.30
CA LYS C 224 4.47 -35.27 12.38
C LYS C 224 4.02 -34.15 13.32
N PHE C 225 4.33 -34.33 14.60
CA PHE C 225 3.86 -33.38 15.61
C PHE C 225 4.48 -32.00 15.42
N ILE C 226 5.77 -31.94 15.12
CA ILE C 226 6.46 -30.65 15.05
C ILE C 226 5.93 -29.80 13.89
N ASP C 227 5.51 -30.43 12.81
CA ASP C 227 5.10 -29.68 11.63
C ASP C 227 3.87 -28.83 11.89
N HIS C 228 2.88 -29.37 12.59
CA HIS C 228 1.59 -28.70 12.81
C HIS C 228 1.23 -28.72 14.29
N PRO C 229 1.91 -27.92 15.11
CA PRO C 229 1.59 -27.90 16.55
C PRO C 229 0.20 -27.36 16.86
N SER C 230 -0.42 -26.63 15.94
CA SER C 230 -1.69 -25.97 16.25
C SER C 230 -2.86 -26.94 16.27
N MET C 231 -2.71 -28.11 15.63
CA MET C 231 -3.84 -29.02 15.47
C MET C 231 -4.04 -29.93 16.67
N LEU C 232 -3.14 -29.93 17.66
CA LEU C 232 -3.32 -30.82 18.81
C LEU C 232 -4.51 -30.39 19.67
N SER C 233 -4.75 -29.08 19.77
CA SER C 233 -5.84 -28.57 20.60
C SER C 233 -7.21 -28.93 20.05
N ASN C 234 -7.30 -29.34 18.79
CA ASN C 234 -8.57 -29.82 18.25
C ASN C 234 -8.95 -31.11 18.96
N ASN C 235 -10.24 -31.24 19.28
CA ASN C 235 -10.71 -32.39 20.04
C ASN C 235 -10.93 -33.62 19.17
N ASP C 236 -10.81 -33.50 17.85
CA ASP C 236 -11.08 -34.61 16.95
C ASP C 236 -9.84 -35.43 16.60
N VAL C 237 -8.65 -35.03 17.06
CA VAL C 237 -7.42 -35.71 16.69
C VAL C 237 -7.00 -36.65 17.82
N VAL C 238 -6.24 -37.67 17.45
CA VAL C 238 -5.70 -38.65 18.39
C VAL C 238 -4.19 -38.53 18.39
N LEU C 239 -3.60 -38.59 19.59
CA LEU C 239 -2.17 -38.40 19.77
C LEU C 239 -1.58 -39.65 20.40
N HIS C 240 -0.42 -40.09 19.89
CA HIS C 240 0.23 -41.30 20.40
C HIS C 240 1.73 -41.17 20.16
N LYS C 241 2.48 -40.89 21.22
CA LYS C 241 3.94 -40.80 21.18
C LYS C 241 4.41 -39.80 20.14
N GLY C 242 3.92 -38.58 20.27
CA GLY C 242 4.38 -37.48 19.43
C GLY C 242 3.97 -37.55 17.99
N TYR C 243 2.90 -38.28 17.67
CA TYR C 243 2.40 -38.39 16.31
C TYR C 243 0.88 -38.32 16.33
N ILE C 244 0.30 -37.85 15.22
CA ILE C 244 -1.12 -37.53 15.15
C ILE C 244 -1.74 -38.22 13.95
N ILE C 245 -2.95 -38.77 14.14
CA ILE C 245 -3.71 -39.43 13.09
C ILE C 245 -5.02 -38.69 12.91
N ILE C 246 -5.37 -38.36 11.66
CA ILE C 246 -6.52 -37.51 11.36
C ILE C 246 -7.35 -38.16 10.26
N TYR C 247 -8.63 -37.81 10.23
CA TYR C 247 -9.54 -38.26 9.19
C TYR C 247 -9.25 -37.49 7.89
N LYS C 248 -9.76 -38.00 6.77
CA LYS C 248 -9.41 -37.45 5.46
C LYS C 248 -10.06 -36.09 5.18
N GLU C 249 -11.18 -35.78 5.82
CA GLU C 249 -11.90 -34.56 5.49
C GLU C 249 -11.27 -33.32 6.11
N SER C 250 -10.33 -33.50 7.03
CA SER C 250 -9.62 -32.37 7.62
C SER C 250 -8.45 -31.90 6.77
N THR C 251 -8.19 -32.56 5.63
CA THR C 251 -7.18 -32.04 4.71
C THR C 251 -7.55 -30.66 4.20
N SER C 252 -8.83 -30.29 4.27
CA SER C 252 -9.21 -28.92 3.99
C SER C 252 -8.81 -27.99 5.13
N LYS C 253 -8.89 -28.48 6.37
CA LYS C 253 -8.55 -27.65 7.51
C LYS C 253 -7.07 -27.25 7.49
N ILE C 254 -6.18 -28.19 7.17
CA ILE C 254 -4.76 -27.87 7.13
C ILE C 254 -4.46 -26.89 6.02
N VAL C 255 -5.24 -26.90 4.94
CA VAL C 255 -5.04 -25.95 3.85
C VAL C 255 -5.22 -24.52 4.35
N GLN C 256 -6.27 -24.28 5.13
CA GLN C 256 -6.49 -22.94 5.67
C GLN C 256 -5.42 -22.56 6.68
N ASN C 257 -4.89 -23.54 7.43
CA ASN C 257 -3.91 -23.23 8.47
C ASN C 257 -2.66 -22.58 7.89
N ILE C 258 -2.12 -23.17 6.83
CA ILE C 258 -0.91 -22.61 6.21
C ILE C 258 -1.25 -21.31 5.48
N PHE C 259 -2.39 -21.26 4.80
CA PHE C 259 -2.75 -20.07 4.03
C PHE C 259 -2.96 -18.87 4.93
N ILE C 260 -3.62 -19.06 6.08
CA ILE C 260 -3.84 -17.96 7.00
C ILE C 260 -2.50 -17.45 7.55
N GLU C 261 -1.62 -18.37 7.93
CA GLU C 261 -0.36 -17.97 8.55
C GLU C 261 0.50 -17.13 7.60
N ARG C 262 0.60 -17.56 6.34
CA ARG C 262 1.39 -16.78 5.38
C ARG C 262 0.71 -15.45 5.06
N LEU C 263 -0.61 -15.48 4.85
CA LEU C 263 -1.33 -14.26 4.51
C LEU C 263 -1.29 -13.25 5.65
N LEU C 264 -1.40 -13.73 6.89
CA LEU C 264 -1.29 -12.83 8.04
C LEU C 264 0.12 -12.27 8.16
N ASP C 265 1.12 -13.03 7.72
CA ASP C 265 2.50 -12.55 7.79
C ASP C 265 2.72 -11.32 6.90
N GLU C 266 2.13 -11.31 5.72
CA GLU C 266 2.38 -10.24 4.77
C GLU C 266 1.92 -8.89 5.32
N MET C 267 0.77 -8.87 6.00
CA MET C 267 0.22 -7.60 6.50
C MET C 267 1.20 -6.93 7.45
N ARG C 268 1.78 -7.68 8.37
CA ARG C 268 2.76 -7.09 9.28
C ARG C 268 3.97 -6.59 8.52
N LEU C 269 4.44 -7.35 7.53
CA LEU C 269 5.50 -6.85 6.65
C LEU C 269 5.01 -5.66 5.85
N LEU C 270 3.78 -5.72 5.33
CA LEU C 270 3.22 -4.59 4.59
C LEU C 270 3.06 -3.37 5.50
N GLN C 271 2.61 -3.59 6.74
CA GLN C 271 2.54 -2.49 7.69
C GLN C 271 3.94 -1.95 8.00
N LEU C 272 4.91 -2.84 8.14
CA LEU C 272 6.28 -2.41 8.43
C LEU C 272 6.84 -1.55 7.32
N LYS C 273 6.56 -1.92 6.06
CA LYS C 273 7.00 -1.11 4.93
C LYS C 273 6.29 0.22 4.86
N PHE C 274 5.23 0.42 5.63
CA PHE C 274 4.51 1.69 5.67
C PHE C 274 4.79 2.49 6.93
N GLN C 275 5.00 1.84 8.07
CA GLN C 275 5.22 2.57 9.31
C GLN C 275 6.47 3.44 9.26
N ASN C 276 7.45 3.05 8.44
CA ASN C 276 8.66 3.86 8.29
C ASN C 276 8.38 5.19 7.60
N ASN C 277 7.25 5.31 6.91
CA ASN C 277 6.83 6.54 6.27
C ASN C 277 5.69 7.17 7.05
N GLY C 278 5.30 8.38 6.65
CA GLY C 278 4.21 9.07 7.31
C GLY C 278 2.84 8.58 6.88
N SER C 279 2.54 8.72 5.59
CA SER C 279 1.25 8.33 5.05
C SER C 279 1.39 8.20 3.54
N LYS C 280 0.31 7.76 2.89
CA LYS C 280 0.28 7.70 1.44
C LYS C 280 0.44 9.10 0.86
N LEU C 281 1.17 9.20 -0.24
CA LEU C 281 1.55 10.50 -0.78
C LEU C 281 0.52 11.09 -1.73
N ASP C 282 -0.20 10.26 -2.48
CA ASP C 282 -1.13 10.74 -3.50
C ASP C 282 -2.53 10.80 -2.90
N ASP C 283 -3.23 11.91 -3.14
CA ASP C 283 -4.40 12.24 -2.34
C ASP C 283 -5.65 11.43 -2.71
N ASP C 284 -5.87 11.12 -3.99
CA ASP C 284 -7.15 10.53 -4.37
C ASP C 284 -7.32 9.10 -3.88
N ARG C 285 -6.26 8.48 -3.35
CA ARG C 285 -6.33 7.14 -2.79
C ARG C 285 -6.35 7.14 -1.26
N LEU C 286 -5.55 8.00 -0.63
CA LEU C 286 -5.47 8.00 0.84
C LEU C 286 -6.83 8.31 1.46
N SER C 287 -7.51 9.33 0.94
CA SER C 287 -8.86 9.62 1.43
C SER C 287 -9.81 8.46 1.17
N PHE C 288 -9.52 7.64 0.16
CA PHE C 288 -10.42 6.56 -0.20
C PHE C 288 -10.23 5.34 0.68
N LEU C 289 -8.98 4.92 0.89
CA LEU C 289 -8.74 3.65 1.58
C LEU C 289 -9.20 3.69 3.03
N LYS C 290 -9.28 4.88 3.62
CA LYS C 290 -9.75 4.99 5.00
C LYS C 290 -11.19 4.52 5.13
N ASP C 291 -12.03 4.83 4.14
CA ASP C 291 -13.44 4.46 4.20
C ASP C 291 -13.62 2.95 4.20
N LEU C 292 -12.70 2.21 3.58
CA LEU C 292 -12.84 0.77 3.47
C LEU C 292 -12.37 0.07 4.74
N HIS C 293 -12.84 0.51 5.89
CA HIS C 293 -12.54 -0.14 7.15
C HIS C 293 -13.79 -0.41 7.99
N LYS C 294 -14.76 0.50 7.98
CA LYS C 294 -15.98 0.34 8.76
C LYS C 294 -17.18 -0.07 7.93
N ALA C 295 -17.31 0.48 6.72
CA ALA C 295 -18.45 0.19 5.84
C ALA C 295 -19.78 0.44 6.52
N LEU D 18 25.35 -16.69 57.86
CA LEU D 18 26.10 -17.94 57.72
C LEU D 18 26.69 -18.06 56.32
N ASP D 19 27.95 -17.64 56.18
CA ASP D 19 28.61 -17.68 54.88
C ASP D 19 29.99 -18.33 54.97
N TYR D 20 30.60 -18.32 56.18
CA TYR D 20 31.92 -18.92 56.34
C TYR D 20 31.89 -20.42 56.10
N ASP D 21 30.87 -21.10 56.63
CA ASP D 21 30.74 -22.54 56.41
C ASP D 21 30.55 -22.85 54.93
N LEU D 22 29.74 -22.04 54.25
CA LEU D 22 29.57 -22.22 52.81
C LEU D 22 30.88 -22.01 52.07
N LEU D 23 31.64 -20.99 52.44
CA LEU D 23 32.92 -20.73 51.78
C LEU D 23 33.88 -21.89 51.97
N GLU D 24 33.89 -22.48 53.16
CA GLU D 24 34.73 -23.65 53.40
C GLU D 24 34.21 -24.89 52.67
N GLU D 25 32.89 -24.97 52.47
CA GLU D 25 32.24 -26.18 51.98
C GLU D 25 32.10 -26.22 50.46
N TYR D 26 32.27 -25.08 49.77
CA TYR D 26 32.15 -25.07 48.31
C TYR D 26 33.09 -26.06 47.62
N TYR D 27 34.21 -26.42 48.25
CA TYR D 27 35.06 -27.47 47.68
C TYR D 27 34.38 -28.83 47.69
N ARG D 28 33.27 -28.98 48.44
CA ARG D 28 32.56 -30.24 48.55
C ARG D 28 31.12 -30.17 48.07
N SER D 29 30.55 -28.98 47.95
CA SER D 29 29.11 -28.85 47.71
C SER D 29 28.71 -29.35 46.32
N TYR D 30 29.52 -29.09 45.31
CA TYR D 30 29.06 -29.14 43.93
C TYR D 30 30.05 -29.94 43.06
N PHE D 31 30.35 -31.16 43.49
CA PHE D 31 31.16 -32.11 42.72
C PHE D 31 30.86 -32.11 41.23
N PRO D 32 29.59 -32.26 40.79
CA PRO D 32 29.35 -32.48 39.35
C PRO D 32 29.69 -31.28 38.47
N VAL D 33 30.94 -30.83 38.49
CA VAL D 33 31.35 -29.76 37.58
C VAL D 33 31.55 -30.30 36.18
N SER D 34 32.41 -31.31 36.04
CA SER D 34 32.63 -31.92 34.73
C SER D 34 31.38 -32.63 34.23
N GLN D 35 30.62 -33.24 35.15
CA GLN D 35 29.38 -33.89 34.76
C GLN D 35 28.39 -32.87 34.20
N MET D 36 28.27 -31.71 34.85
CA MET D 36 27.37 -30.68 34.34
C MET D 36 27.85 -30.16 32.99
N VAL D 37 29.15 -29.97 32.83
CA VAL D 37 29.68 -29.51 31.55
C VAL D 37 29.37 -30.51 30.45
N GLN D 38 29.57 -31.80 30.74
CA GLN D 38 29.26 -32.84 29.74
C GLN D 38 27.78 -32.87 29.41
N TRP D 39 26.92 -32.72 30.43
CA TRP D 39 25.49 -32.73 30.17
C TRP D 39 25.08 -31.56 29.29
N LEU D 40 25.64 -30.38 29.56
CA LEU D 40 25.35 -29.22 28.71
C LEU D 40 26.10 -29.28 27.39
N SER D 41 27.13 -30.13 27.28
CA SER D 41 27.94 -30.14 26.07
C SER D 41 27.19 -30.74 24.89
N TYR D 42 26.47 -31.86 25.12
CA TYR D 42 25.78 -32.59 24.06
C TYR D 42 26.77 -32.98 22.97
N PRO D 43 27.70 -33.89 23.25
CA PRO D 43 28.76 -34.20 22.26
C PRO D 43 28.23 -34.79 20.97
N GLN D 44 27.05 -35.43 20.99
CA GLN D 44 26.56 -36.09 19.78
C GLN D 44 26.30 -35.10 18.65
N ASP D 45 25.83 -33.89 18.98
CA ASP D 45 25.51 -32.92 17.95
C ASP D 45 26.73 -32.56 17.11
N GLY D 46 27.92 -32.62 17.70
CA GLY D 46 29.14 -32.34 16.98
C GLY D 46 29.56 -30.89 16.94
N ASP D 47 28.73 -29.98 17.45
CA ASP D 47 29.08 -28.57 17.50
C ASP D 47 29.82 -28.26 18.79
N ASP D 48 30.66 -27.24 18.74
CA ASP D 48 31.50 -26.85 19.87
C ASP D 48 30.93 -25.59 20.53
N THR D 49 31.61 -25.16 21.60
CA THR D 49 31.26 -23.94 22.34
C THR D 49 29.83 -23.98 22.89
N TYR D 50 29.34 -25.17 23.19
CA TYR D 50 28.02 -25.29 23.79
C TYR D 50 27.99 -24.65 25.17
N PHE D 51 29.03 -24.88 25.97
CA PHE D 51 29.12 -24.25 27.28
C PHE D 51 29.32 -22.74 27.16
N THR D 52 29.97 -22.29 26.08
CA THR D 52 30.28 -20.87 25.93
C THR D 52 29.03 -20.02 25.83
N ARG D 53 28.01 -20.49 25.11
CA ARG D 53 26.84 -19.68 24.82
C ARG D 53 25.77 -19.76 25.90
N ARG D 54 25.94 -20.61 26.90
CA ARG D 54 24.86 -20.88 27.86
C ARG D 54 24.78 -19.78 28.91
N GLU D 55 23.56 -19.31 29.14
CA GLU D 55 23.30 -18.29 30.15
C GLU D 55 23.49 -18.83 31.55
N PHE D 56 24.14 -18.03 32.40
CA PHE D 56 24.27 -18.31 33.82
C PHE D 56 23.95 -17.06 34.62
N SER D 57 23.42 -17.25 35.83
CA SER D 57 23.14 -16.15 36.73
C SER D 57 23.42 -16.59 38.16
N PHE D 58 23.99 -15.68 38.95
CA PHE D 58 24.38 -15.98 40.32
C PHE D 58 23.70 -14.99 41.27
N THR D 59 23.52 -15.42 42.51
CA THR D 59 22.98 -14.59 43.57
C THR D 59 23.98 -14.54 44.72
N LEU D 60 24.30 -13.33 45.15
CA LEU D 60 25.31 -13.11 46.18
C LEU D 60 24.64 -12.75 47.50
N GLN D 61 25.46 -12.48 48.51
CA GLN D 61 24.97 -12.10 49.82
C GLN D 61 24.30 -10.72 49.77
N ASN D 62 23.17 -10.61 50.46
CA ASN D 62 22.47 -9.33 50.65
C ASN D 62 22.08 -8.70 49.31
N GLU D 63 21.21 -9.40 48.60
CA GLU D 63 20.45 -8.92 47.46
C GLU D 63 21.32 -8.70 46.21
N VAL D 64 22.64 -8.86 46.31
CA VAL D 64 23.49 -8.63 45.16
C VAL D 64 23.23 -9.71 44.11
N TYR D 65 22.88 -9.28 42.90
CA TYR D 65 22.56 -10.18 41.80
C TYR D 65 23.57 -10.00 40.68
N LEU D 66 24.14 -11.11 40.23
CA LEU D 66 25.03 -11.13 39.08
C LEU D 66 24.37 -11.95 37.97
N ARG D 67 24.26 -11.36 36.78
CA ARG D 67 23.62 -12.02 35.66
C ARG D 67 24.53 -11.99 34.44
N TYR D 68 24.28 -12.92 33.53
CA TYR D 68 25.10 -13.09 32.32
C TYR D 68 26.56 -13.32 32.67
N GLN D 69 26.80 -14.09 33.72
CA GLN D 69 28.16 -14.45 34.14
C GLN D 69 28.69 -15.61 33.27
N MET D 70 28.71 -15.36 31.97
CA MET D 70 29.11 -16.39 31.01
C MET D 70 30.61 -16.67 31.12
N TYR D 71 30.95 -17.93 31.32
CA TYR D 71 32.34 -18.36 31.39
C TYR D 71 32.62 -19.34 30.27
N ASN D 72 33.62 -19.04 29.44
CA ASN D 72 33.98 -19.93 28.34
C ASN D 72 34.78 -21.12 28.82
N SER D 73 35.59 -20.95 29.87
CA SER D 73 36.44 -22.01 30.39
C SER D 73 35.88 -22.53 31.70
N GLU D 74 36.00 -23.85 31.89
CA GLU D 74 35.54 -24.46 33.13
C GLU D 74 36.42 -24.04 34.30
N ARG D 75 37.71 -23.86 34.07
CA ARG D 75 38.63 -23.51 35.15
C ARG D 75 38.26 -22.19 35.78
N GLU D 76 38.09 -21.14 34.96
CA GLU D 76 37.65 -19.86 35.50
C GLU D 76 36.26 -19.95 36.10
N PHE D 77 35.42 -20.83 35.56
CA PHE D 77 34.09 -21.05 36.14
C PHE D 77 34.19 -21.48 37.59
N LYS D 78 34.95 -22.55 37.86
CA LYS D 78 35.08 -23.00 39.24
C LYS D 78 35.87 -22.02 40.09
N ASN D 79 36.83 -21.29 39.50
CA ASN D 79 37.57 -20.30 40.27
C ASN D 79 36.64 -19.20 40.78
N ALA D 80 35.78 -18.68 39.90
CA ALA D 80 34.82 -17.68 40.32
C ALA D 80 33.79 -18.28 41.28
N LEU D 81 33.39 -19.53 41.05
CA LEU D 81 32.43 -20.19 41.92
C LEU D 81 32.96 -20.29 43.35
N LEU D 82 34.23 -20.65 43.49
CA LEU D 82 34.84 -20.79 44.81
C LEU D 82 35.13 -19.44 45.45
N GLN D 83 35.63 -18.49 44.67
CA GLN D 83 36.03 -17.20 45.23
C GLN D 83 34.83 -16.44 45.79
N LYS D 84 33.70 -16.46 45.08
CA LYS D 84 32.53 -15.69 45.48
C LYS D 84 31.73 -16.50 46.51
N VAL D 85 30.52 -16.02 46.82
CA VAL D 85 29.61 -16.73 47.72
C VAL D 85 28.27 -16.91 47.02
N PRO D 86 28.18 -17.83 46.06
CA PRO D 86 26.93 -18.01 45.31
C PRO D 86 25.87 -18.76 46.11
N GLU D 87 25.07 -18.05 46.90
CA GLU D 87 24.00 -18.69 47.65
C GLU D 87 22.96 -19.35 46.73
N LYS D 88 22.91 -18.95 45.46
CA LYS D 88 22.03 -19.59 44.50
C LYS D 88 22.72 -19.61 43.14
N ILE D 89 22.58 -20.72 42.43
CA ILE D 89 23.18 -20.92 41.12
C ILE D 89 22.06 -21.23 40.13
N ASP D 90 22.04 -20.50 39.02
CA ASP D 90 20.98 -20.61 38.04
C ASP D 90 21.50 -21.16 36.73
N ILE D 91 20.57 -21.66 35.91
CA ILE D 91 20.84 -22.17 34.57
C ILE D 91 19.99 -21.40 33.59
N GLY D 92 20.58 -20.99 32.47
CA GLY D 92 19.84 -20.25 31.45
C GLY D 92 19.83 -20.93 30.10
N ALA D 93 19.56 -20.17 29.05
CA ALA D 93 19.50 -20.70 27.69
C ALA D 93 20.79 -20.40 26.94
N VAL D 94 20.84 -20.83 25.68
CA VAL D 94 22.00 -20.61 24.82
C VAL D 94 21.64 -19.57 23.76
N TYR D 95 22.51 -18.59 23.60
CA TYR D 95 22.28 -17.44 22.74
C TYR D 95 22.97 -17.59 21.40
N ASP D 96 22.85 -16.56 20.55
CA ASP D 96 23.62 -16.50 19.32
C ASP D 96 25.11 -16.51 19.61
N ARG D 97 25.59 -15.46 20.29
CA ARG D 97 27.00 -15.23 20.52
C ARG D 97 27.18 -14.80 21.96
N PRO D 98 28.38 -14.95 22.52
CA PRO D 98 28.62 -14.48 23.89
C PRO D 98 28.52 -12.96 24.02
N GLY D 99 28.72 -12.46 25.22
CA GLY D 99 28.56 -11.04 25.48
C GLY D 99 27.23 -10.71 26.14
N LYS D 100 27.21 -9.61 26.88
CA LYS D 100 26.06 -9.25 27.68
C LYS D 100 25.73 -7.77 27.53
N LYS D 101 24.44 -7.47 27.60
CA LYS D 101 23.93 -6.09 27.60
C LYS D 101 24.44 -5.29 26.40
N GLY D 102 24.47 -5.95 25.24
CA GLY D 102 24.86 -5.30 24.01
C GLY D 102 24.68 -6.23 22.84
N ASP D 103 24.33 -5.68 21.67
CA ASP D 103 24.07 -6.39 20.42
C ASP D 103 22.76 -7.19 20.46
N ASP D 104 21.95 -7.07 21.53
CA ASP D 104 20.64 -7.69 21.66
C ASP D 104 20.61 -9.13 21.14
N ILE D 105 21.39 -10.01 21.77
CA ILE D 105 21.60 -11.35 21.24
C ILE D 105 20.28 -12.13 21.28
N LYS D 106 20.00 -12.87 20.21
CA LYS D 106 18.85 -13.77 20.17
C LYS D 106 19.25 -15.15 20.65
N ALA D 107 18.39 -15.77 21.46
CA ALA D 107 18.67 -17.11 21.96
C ALA D 107 18.31 -18.17 20.92
N LYS D 108 19.15 -19.18 20.77
CA LYS D 108 18.81 -20.34 19.95
C LYS D 108 17.89 -21.32 20.67
N GLU D 109 18.37 -21.93 21.75
CA GLU D 109 17.76 -23.15 22.26
C GLU D 109 17.61 -23.08 23.77
N LYS D 110 16.67 -23.88 24.28
CA LYS D 110 16.43 -24.01 25.70
C LYS D 110 15.67 -25.31 25.94
N GLU D 111 15.95 -25.94 27.08
CA GLU D 111 15.32 -27.21 27.41
C GLU D 111 13.92 -27.00 27.98
N PHE D 112 13.07 -27.99 27.79
CA PHE D 112 11.69 -27.92 28.27
C PHE D 112 11.64 -28.19 29.77
N VAL D 113 10.84 -27.41 30.48
CA VAL D 113 10.80 -27.43 31.94
C VAL D 113 9.35 -27.49 32.40
N ILE D 114 9.10 -28.22 33.48
CA ILE D 114 7.81 -28.27 34.14
C ILE D 114 8.04 -28.13 35.63
N ASP D 115 7.19 -27.34 36.31
CA ASP D 115 7.34 -27.05 37.72
C ASP D 115 6.13 -27.52 38.50
N ILE D 116 6.38 -28.09 39.68
CA ILE D 116 5.33 -28.56 40.58
C ILE D 116 5.65 -28.09 41.98
N ASP D 117 4.63 -27.65 42.72
CA ASP D 117 4.80 -27.15 44.08
C ASP D 117 3.67 -27.66 44.95
N MET D 118 3.77 -27.38 46.25
CA MET D 118 2.76 -27.76 47.23
C MET D 118 1.78 -26.65 47.55
N THR D 119 1.91 -25.48 46.91
CA THR D 119 0.99 -24.38 47.20
C THR D 119 -0.41 -24.69 46.71
N ASP D 120 -0.54 -25.29 45.53
CA ASP D 120 -1.86 -25.58 44.97
C ASP D 120 -2.60 -26.64 45.77
N TYR D 121 -1.90 -27.41 46.60
CA TYR D 121 -2.52 -28.41 47.46
C TYR D 121 -2.80 -27.87 48.86
N ASP D 122 -2.54 -26.58 49.11
CA ASP D 122 -2.77 -26.02 50.43
C ASP D 122 -4.25 -26.03 50.80
N HIS D 123 -5.12 -25.70 49.85
CA HIS D 123 -6.56 -25.63 50.13
C HIS D 123 -7.18 -27.00 50.37
N ILE D 124 -6.45 -28.08 50.10
CA ILE D 124 -6.97 -29.43 50.28
C ILE D 124 -6.48 -30.00 51.61
N ARG D 125 -5.18 -29.98 51.83
CA ARG D 125 -4.61 -30.56 53.03
C ARG D 125 -4.91 -29.70 54.25
N THR D 126 -4.92 -30.34 55.42
CA THR D 126 -5.17 -29.65 56.67
C THR D 126 -4.25 -30.06 57.81
N CYS D 127 -3.48 -31.14 57.69
CA CYS D 127 -2.68 -31.63 58.81
C CYS D 127 -1.36 -30.90 58.98
N CYS D 128 -1.01 -30.01 58.05
CA CYS D 128 0.26 -29.28 58.12
C CYS D 128 -0.01 -27.78 58.24
N SER D 129 0.98 -27.06 58.78
CA SER D 129 0.86 -25.65 59.06
C SER D 129 1.22 -24.76 57.88
N LYS D 130 1.19 -25.31 56.66
CA LYS D 130 1.37 -24.58 55.40
C LYS D 130 2.76 -23.95 55.28
N ALA D 131 3.61 -24.14 56.30
CA ALA D 131 4.97 -23.65 56.27
C ALA D 131 6.01 -24.77 56.22
N LYS D 132 5.69 -25.93 56.81
CA LYS D 132 6.57 -27.09 56.78
C LYS D 132 5.77 -28.30 56.35
N ILE D 133 6.41 -29.18 55.59
CA ILE D 133 5.71 -30.33 55.03
C ILE D 133 5.55 -31.40 56.09
N CYS D 134 4.63 -32.34 55.82
CA CYS D 134 4.38 -33.48 56.68
C CYS D 134 4.42 -34.75 55.84
N GLU D 135 4.68 -35.87 56.52
CA GLU D 135 4.76 -37.15 55.82
C GLU D 135 3.44 -37.50 55.13
N LYS D 136 2.32 -37.02 55.66
CA LYS D 136 1.02 -37.31 55.08
C LYS D 136 0.76 -36.56 53.78
N CYS D 137 1.60 -35.60 53.42
CA CYS D 137 1.36 -34.78 52.24
C CYS D 137 2.18 -35.18 51.03
N TRP D 138 3.30 -35.88 51.22
CA TRP D 138 4.18 -36.20 50.10
C TRP D 138 3.56 -37.18 49.12
N LYS D 139 2.48 -37.86 49.51
CA LYS D 139 1.83 -38.80 48.61
C LYS D 139 1.27 -38.09 47.38
N PHE D 140 0.88 -36.83 47.52
CA PHE D 140 0.41 -36.07 46.37
C PHE D 140 1.52 -35.92 45.33
N MET D 141 2.73 -35.59 45.78
CA MET D 141 3.87 -35.56 44.85
C MET D 141 4.15 -36.94 44.28
N ARG D 142 4.04 -37.97 45.13
CA ARG D 142 4.32 -39.32 44.68
C ARG D 142 3.38 -39.74 43.55
N VAL D 143 2.12 -39.32 43.60
CA VAL D 143 1.20 -39.68 42.53
C VAL D 143 1.36 -38.72 41.34
N ALA D 144 1.66 -37.45 41.59
CA ALA D 144 1.82 -36.50 40.50
C ALA D 144 3.00 -36.86 39.61
N CYS D 145 4.09 -37.33 40.21
CA CYS D 145 5.27 -37.70 39.43
C CYS D 145 4.92 -38.78 38.40
N ASP D 146 4.29 -39.87 38.85
CA ASP D 146 3.95 -40.95 37.92
C ASP D 146 2.90 -40.50 36.93
N LEU D 147 1.96 -39.65 37.35
CA LEU D 147 0.96 -39.14 36.41
C LEU D 147 1.61 -38.40 35.26
N ILE D 148 2.47 -37.43 35.57
CA ILE D 148 3.08 -36.60 34.53
C ILE D 148 4.04 -37.43 33.69
N SER D 149 4.79 -38.33 34.32
CA SER D 149 5.72 -39.17 33.57
C SER D 149 4.95 -40.07 32.58
N LYS D 150 3.85 -40.66 33.04
CA LYS D 150 3.04 -41.47 32.14
C LYS D 150 2.47 -40.64 31.00
N SER D 151 2.01 -39.42 31.30
CA SER D 151 1.50 -38.56 30.25
C SER D 151 2.56 -38.28 29.19
N LEU D 152 3.75 -37.88 29.64
CA LEU D 152 4.82 -37.56 28.70
C LEU D 152 5.23 -38.78 27.87
N ASP D 153 5.34 -39.94 28.53
CA ASP D 153 5.83 -41.13 27.83
C ASP D 153 4.79 -41.66 26.85
N GLU D 154 3.52 -41.71 27.24
CA GLU D 154 2.50 -42.27 26.37
C GLU D 154 2.14 -41.32 25.24
N ASP D 155 2.04 -40.02 25.54
CA ASP D 155 1.54 -39.07 24.55
C ASP D 155 2.65 -38.56 23.63
N PHE D 156 3.88 -38.45 24.12
CA PHE D 156 5.01 -37.99 23.34
C PHE D 156 6.12 -39.03 23.40
N GLY D 157 7.14 -38.86 22.55
CA GLY D 157 8.27 -39.75 22.61
C GLY D 157 9.09 -39.53 23.86
N PHE D 158 9.79 -38.40 23.92
CA PHE D 158 10.40 -37.86 25.14
C PHE D 158 11.16 -38.95 25.91
N GLN D 159 12.21 -39.46 25.25
CA GLN D 159 12.98 -40.58 25.77
C GLN D 159 13.93 -40.21 26.89
N HIS D 160 13.84 -38.99 27.45
CA HIS D 160 14.73 -38.58 28.51
C HIS D 160 13.99 -37.68 29.49
N VAL D 161 14.25 -37.87 30.78
CA VAL D 161 13.58 -37.14 31.85
C VAL D 161 14.57 -36.93 32.98
N LEU D 162 14.48 -35.78 33.64
CA LEU D 162 15.34 -35.50 34.79
C LEU D 162 14.55 -34.65 35.79
N TRP D 163 14.12 -35.27 36.88
CA TRP D 163 13.48 -34.52 37.95
C TRP D 163 14.53 -34.03 38.93
N VAL D 164 14.16 -33.02 39.72
CA VAL D 164 15.04 -32.46 40.75
C VAL D 164 14.19 -32.03 41.94
N TYR D 165 14.46 -32.61 43.10
CA TYR D 165 13.88 -32.10 44.34
C TYR D 165 14.53 -30.78 44.71
N SER D 166 13.75 -29.87 45.28
CA SER D 166 14.21 -28.50 45.47
C SER D 166 13.79 -27.99 46.85
N GLY D 167 14.77 -27.73 47.71
CA GLY D 167 14.55 -26.96 48.92
C GLY D 167 13.55 -27.59 49.87
N ARG D 168 12.59 -26.76 50.32
CA ARG D 168 11.60 -27.15 51.31
C ARG D 168 10.24 -27.44 50.69
N ARG D 169 10.19 -27.65 49.38
CA ARG D 169 8.91 -27.71 48.66
C ARG D 169 9.08 -28.73 47.53
N GLY D 170 8.20 -28.66 46.54
CA GLY D 170 8.13 -29.66 45.49
C GLY D 170 9.31 -29.70 44.54
N ILE D 171 9.06 -30.20 43.32
CA ILE D 171 10.14 -30.57 42.41
C ILE D 171 9.92 -29.85 41.08
N HIS D 172 10.90 -30.03 40.19
CA HIS D 172 10.84 -29.56 38.82
C HIS D 172 10.98 -30.75 37.88
N ALA D 173 10.92 -30.48 36.58
CA ALA D 173 11.02 -31.52 35.57
C ALA D 173 11.85 -31.01 34.38
N TRP D 174 13.16 -31.24 34.43
CA TRP D 174 14.01 -30.94 33.30
C TRP D 174 13.85 -32.01 32.22
N VAL D 175 14.07 -31.60 30.98
CA VAL D 175 13.98 -32.51 29.84
C VAL D 175 15.11 -32.17 28.86
N CYS D 176 15.69 -33.22 28.26
CA CYS D 176 16.68 -33.06 27.21
C CYS D 176 16.32 -34.00 26.07
N ASP D 177 16.19 -33.46 24.86
CA ASP D 177 15.86 -34.26 23.70
C ASP D 177 16.39 -33.58 22.45
N LYS D 178 16.44 -34.33 21.36
CA LYS D 178 17.08 -33.84 20.13
C LYS D 178 16.33 -32.66 19.54
N GLU D 179 14.99 -32.73 19.47
CA GLU D 179 14.23 -31.76 18.69
C GLU D 179 13.68 -30.61 19.52
N ILE D 180 13.15 -30.90 20.71
CA ILE D 180 12.41 -29.87 21.45
C ILE D 180 13.31 -28.76 21.95
N ARG D 181 14.63 -28.96 22.01
CA ARG D 181 15.52 -27.91 22.49
C ARG D 181 15.47 -26.68 21.59
N LYS D 182 15.28 -26.88 20.29
CA LYS D 182 15.21 -25.79 19.33
C LYS D 182 13.78 -25.41 18.96
N ALA D 183 12.80 -25.92 19.69
CA ALA D 183 11.41 -25.62 19.40
C ALA D 183 11.11 -24.15 19.71
N ASN D 184 10.26 -23.54 18.88
CA ASN D 184 9.87 -22.16 19.08
C ASN D 184 8.89 -22.03 20.25
N ASP D 185 8.54 -20.78 20.56
CA ASP D 185 7.67 -20.53 21.71
C ASP D 185 6.26 -21.06 21.47
N TYR D 186 5.77 -20.98 20.24
CA TYR D 186 4.41 -21.42 19.95
C TYR D 186 4.26 -22.92 20.20
N THR D 187 5.25 -23.72 19.80
CA THR D 187 5.20 -25.14 20.07
C THR D 187 5.28 -25.41 21.57
N ARG D 188 6.06 -24.61 22.31
CA ARG D 188 6.09 -24.74 23.76
C ARG D 188 4.70 -24.53 24.36
N ALA D 189 4.01 -23.48 23.90
CA ALA D 189 2.66 -23.22 24.41
C ALA D 189 1.72 -24.36 24.04
N SER D 190 1.82 -24.87 22.82
CA SER D 190 0.96 -25.96 22.39
C SER D 190 1.19 -27.23 23.22
N ILE D 191 2.45 -27.51 23.57
CA ILE D 191 2.74 -28.67 24.41
C ILE D 191 2.19 -28.47 25.81
N ILE D 192 2.46 -27.31 26.41
CA ILE D 192 2.04 -27.11 27.79
C ILE D 192 0.52 -26.99 27.90
N ASP D 193 -0.17 -26.66 26.81
CA ASP D 193 -1.63 -26.64 26.84
C ASP D 193 -2.19 -28.06 27.00
N TYR D 194 -1.59 -29.02 26.32
CA TYR D 194 -2.12 -30.38 26.33
C TYR D 194 -2.02 -31.02 27.71
N LEU D 195 -0.95 -30.74 28.44
CA LEU D 195 -0.69 -31.37 29.72
C LEU D 195 -1.44 -30.71 30.88
N ASN D 196 -2.17 -29.62 30.64
CA ASN D 196 -2.92 -28.93 31.68
C ASN D 196 -4.40 -29.25 31.51
N ILE D 197 -5.00 -29.83 32.53
CA ILE D 197 -6.40 -30.27 32.47
C ILE D 197 -7.20 -29.62 33.58
N LEU D 198 -6.54 -29.27 34.69
CA LEU D 198 -7.20 -28.60 35.81
C LEU D 198 -7.35 -27.13 35.44
N VAL D 199 -8.38 -26.84 34.65
CA VAL D 199 -8.61 -25.49 34.14
C VAL D 199 -9.31 -24.66 35.20
N ASP D 200 -8.73 -23.50 35.51
CA ASP D 200 -9.32 -22.60 36.49
C ASP D 200 -10.17 -21.54 35.78
N TYR D 207 -13.09 -23.75 36.98
CA TYR D 207 -12.93 -24.33 38.29
C TYR D 207 -12.92 -25.86 38.22
N VAL D 208 -13.41 -26.40 37.11
CA VAL D 208 -13.47 -27.84 36.89
C VAL D 208 -12.84 -28.14 35.53
N LYS D 209 -12.84 -29.42 35.16
CA LYS D 209 -12.23 -29.83 33.92
C LYS D 209 -13.04 -29.29 32.73
N PRO D 210 -12.38 -28.72 31.72
CA PRO D 210 -13.10 -27.99 30.67
C PRO D 210 -14.03 -28.88 29.86
N SER D 211 -15.07 -28.26 29.31
CA SER D 211 -16.12 -28.98 28.61
C SER D 211 -15.64 -29.63 27.32
N LEU D 212 -14.44 -29.26 26.84
CA LEU D 212 -13.93 -29.83 25.61
C LEU D 212 -13.89 -31.35 25.67
N LEU D 213 -13.63 -31.90 26.86
CA LEU D 213 -13.63 -33.35 27.06
C LEU D 213 -14.94 -33.86 27.64
N LYS D 214 -15.63 -33.05 28.44
CA LYS D 214 -16.92 -33.47 28.99
C LYS D 214 -17.96 -33.70 27.90
N MET D 215 -17.84 -32.98 26.78
CA MET D 215 -18.92 -32.99 25.78
C MET D 215 -19.16 -34.36 25.18
N GLU D 216 -18.19 -35.27 25.22
CA GLU D 216 -18.32 -36.57 24.58
C GLU D 216 -17.81 -37.68 25.49
N LYS D 217 -18.36 -38.86 25.29
CA LYS D 217 -17.90 -40.06 25.97
C LYS D 217 -16.73 -40.68 25.21
N SER D 218 -16.18 -41.74 25.79
CA SER D 218 -15.06 -42.48 25.21
C SER D 218 -13.88 -41.55 24.89
N HIS D 219 -13.55 -40.69 25.85
CA HIS D 219 -12.41 -39.80 25.73
C HIS D 219 -11.12 -40.60 25.92
N LEU D 220 -9.98 -39.91 25.90
CA LEU D 220 -8.68 -40.56 25.98
C LEU D 220 -7.86 -40.13 27.18
N ILE D 221 -7.74 -38.82 27.43
CA ILE D 221 -6.66 -38.33 28.28
C ILE D 221 -6.98 -38.55 29.76
N GLU D 222 -8.11 -38.03 30.25
CA GLU D 222 -8.33 -38.09 31.68
C GLU D 222 -8.69 -39.49 32.16
N ARG D 223 -9.20 -40.36 31.27
CA ARG D 223 -9.41 -41.75 31.65
C ARG D 223 -8.11 -42.40 32.10
N ASN D 224 -7.04 -42.21 31.32
CA ASN D 224 -5.73 -42.70 31.75
C ASN D 224 -5.19 -41.87 32.91
N ALA D 225 -5.53 -40.59 32.97
CA ALA D 225 -5.08 -39.74 34.07
C ALA D 225 -5.75 -40.08 35.40
N MET D 226 -6.77 -40.93 35.39
CA MET D 226 -7.46 -41.34 36.61
C MET D 226 -7.18 -42.79 36.99
N LYS D 227 -6.17 -43.41 36.37
CA LYS D 227 -5.78 -44.79 36.65
C LYS D 227 -6.88 -45.78 36.33
N GLN D 228 -7.80 -45.41 35.44
CA GLN D 228 -8.88 -46.29 35.00
C GLN D 228 -8.63 -46.64 33.54
N LEU D 229 -7.95 -47.75 33.30
CA LEU D 229 -7.64 -48.18 31.95
C LEU D 229 -8.91 -48.67 31.25
N ASN D 230 -8.75 -49.10 30.00
CA ASN D 230 -9.87 -49.57 29.20
C ASN D 230 -10.52 -50.77 29.88
N GLN D 231 -11.77 -50.59 30.34
CA GLN D 231 -12.46 -51.63 31.08
C GLN D 231 -13.93 -51.61 30.70
N LYS D 232 -14.61 -52.71 31.03
CA LYS D 232 -16.03 -52.84 30.74
C LYS D 232 -16.86 -51.88 31.58
N LYS D 237 -18.08 -55.90 39.64
CA LYS D 237 -16.84 -55.17 39.40
C LYS D 237 -16.27 -54.62 40.69
N ALA D 238 -16.64 -55.24 41.81
CA ALA D 238 -16.24 -54.70 43.12
C ALA D 238 -14.72 -54.64 43.26
N GLU D 239 -14.02 -55.68 42.81
CA GLU D 239 -12.56 -55.67 42.88
C GLU D 239 -11.98 -54.55 42.01
N LYS D 240 -12.59 -54.30 40.85
CA LYS D 240 -12.11 -53.25 39.97
C LYS D 240 -12.27 -51.88 40.61
N GLU D 241 -13.48 -51.57 41.10
CA GLU D 241 -13.70 -50.29 41.73
C GLU D 241 -12.81 -50.11 42.95
N SER D 242 -12.62 -51.19 43.73
CA SER D 242 -11.74 -51.10 44.89
C SER D 242 -10.30 -50.81 44.49
N GLU D 243 -9.81 -51.52 43.46
CA GLU D 243 -8.42 -51.36 43.05
C GLU D 243 -8.17 -50.02 42.36
N LYS D 244 -9.21 -49.35 41.88
CA LYS D 244 -8.99 -47.98 41.44
C LYS D 244 -9.17 -46.95 42.57
N VAL D 245 -10.07 -47.19 43.51
CA VAL D 245 -10.38 -46.15 44.49
C VAL D 245 -9.35 -46.15 45.61
N PHE D 246 -8.72 -47.30 45.91
CA PHE D 246 -7.90 -47.41 47.11
C PHE D 246 -6.76 -46.40 47.11
N VAL D 247 -6.26 -46.03 45.93
CA VAL D 247 -5.19 -45.04 45.86
C VAL D 247 -5.62 -43.74 46.52
N GLU D 248 -6.65 -43.10 45.95
CA GLU D 248 -7.13 -41.84 46.52
C GLU D 248 -7.66 -42.02 47.93
N ILE D 249 -8.16 -43.23 48.26
CA ILE D 249 -8.56 -43.49 49.64
C ILE D 249 -7.38 -43.33 50.58
N VAL D 250 -6.25 -43.96 50.25
CA VAL D 250 -5.07 -43.89 51.09
C VAL D 250 -4.55 -42.46 51.16
N LEU D 251 -4.55 -41.74 50.03
CA LEU D 251 -4.04 -40.37 50.07
C LEU D 251 -4.95 -39.42 50.84
N ARG D 252 -6.26 -39.64 50.83
CA ARG D 252 -7.18 -38.61 51.32
C ARG D 252 -7.81 -38.92 52.67
N GLU D 253 -8.32 -40.14 52.88
CA GLU D 253 -9.11 -40.44 54.07
C GLU D 253 -8.26 -40.61 55.32
N GLN D 254 -7.01 -40.18 55.27
CA GLN D 254 -6.14 -40.11 56.43
C GLN D 254 -5.62 -38.70 56.67
N ASN D 255 -5.35 -37.94 55.60
CA ASN D 255 -4.92 -36.56 55.75
C ASN D 255 -6.07 -35.65 56.20
N LEU D 256 -7.23 -35.79 55.57
CA LEU D 256 -8.33 -34.88 55.82
C LEU D 256 -9.65 -35.62 56.06
N PHE D 257 -9.77 -36.82 55.49
CA PHE D 257 -10.92 -37.71 55.65
C PHE D 257 -12.25 -36.95 55.66
N MET D 258 -12.41 -36.08 54.67
CA MET D 258 -13.65 -35.30 54.46
C MET D 258 -14.07 -34.56 55.73
N LYS D 259 -13.09 -33.99 56.43
CA LYS D 259 -13.41 -33.18 57.60
C LYS D 259 -14.06 -31.85 57.22
N LYS D 260 -13.77 -31.35 56.02
CA LYS D 260 -14.33 -30.11 55.50
C LYS D 260 -15.34 -30.43 54.41
N PRO D 261 -16.61 -30.67 54.76
CA PRO D 261 -17.59 -31.01 53.72
C PRO D 261 -17.79 -29.92 52.68
N GLU D 262 -17.68 -28.65 53.09
CA GLU D 262 -17.98 -27.55 52.19
C GLU D 262 -17.12 -27.58 50.93
N ILE D 263 -15.89 -28.09 51.04
CA ILE D 263 -14.97 -28.10 49.90
C ILE D 263 -15.57 -28.84 48.72
N ILE D 264 -16.20 -29.99 48.97
CA ILE D 264 -16.81 -30.75 47.90
C ILE D 264 -18.30 -30.45 47.74
N LEU D 265 -18.96 -29.93 48.78
CA LEU D 265 -20.34 -29.48 48.60
C LEU D 265 -20.43 -28.32 47.62
N GLU D 266 -19.43 -27.43 47.61
CA GLU D 266 -19.42 -26.35 46.63
C GLU D 266 -19.37 -26.90 45.21
N PHE D 267 -18.53 -27.91 44.98
CA PHE D 267 -18.45 -28.51 43.66
C PHE D 267 -19.74 -29.26 43.32
N LEU D 268 -20.31 -29.97 44.28
CA LEU D 268 -21.58 -30.67 44.05
C LEU D 268 -22.72 -29.69 43.76
N ALA D 269 -22.62 -28.45 44.25
CA ALA D 269 -23.61 -27.44 43.95
C ALA D 269 -23.66 -27.09 42.47
N LYS D 270 -22.64 -27.45 41.70
CA LYS D 270 -22.70 -27.25 40.24
C LYS D 270 -23.87 -28.01 39.64
N ARG D 271 -24.21 -29.16 40.21
CA ARG D 271 -25.34 -29.95 39.74
C ARG D 271 -26.63 -29.42 40.41
N SER D 272 -27.71 -30.19 40.28
CA SER D 272 -29.01 -29.76 40.80
C SER D 272 -28.95 -29.61 42.32
N GLU D 273 -29.67 -28.60 42.82
CA GLU D 273 -29.72 -28.36 44.25
C GLU D 273 -30.37 -29.53 44.99
N ASN D 274 -31.22 -30.30 44.31
CA ASN D 274 -31.87 -31.44 44.94
C ASN D 274 -30.85 -32.47 45.40
N LEU D 275 -29.85 -32.76 44.57
CA LEU D 275 -28.84 -33.75 44.94
C LEU D 275 -27.98 -33.25 46.10
N SER D 276 -27.62 -31.97 46.08
CA SER D 276 -26.86 -31.41 47.19
C SER D 276 -27.65 -31.46 48.49
N LYS D 277 -28.94 -31.13 48.43
CA LYS D 277 -29.78 -31.23 49.62
C LYS D 277 -29.87 -32.67 50.10
N GLU D 278 -30.01 -33.62 49.18
CA GLU D 278 -30.08 -35.03 49.57
C GLU D 278 -28.81 -35.47 50.28
N VAL D 279 -27.65 -35.13 49.72
CA VAL D 279 -26.40 -35.60 50.31
C VAL D 279 -26.14 -34.91 51.65
N GLU D 280 -26.48 -33.62 51.76
CA GLU D 280 -26.25 -32.95 53.04
C GLU D 280 -27.20 -33.46 54.11
N LYS D 281 -28.43 -33.82 53.74
CA LYS D 281 -29.33 -34.44 54.70
C LYS D 281 -28.84 -35.82 55.10
N GLU D 282 -28.32 -36.58 54.14
CA GLU D 282 -27.87 -37.94 54.44
C GLU D 282 -26.63 -37.95 55.34
N TRP D 283 -25.70 -37.03 55.12
CA TRP D 283 -24.40 -37.10 55.78
C TRP D 283 -24.47 -36.91 57.29
N LYS D 284 -25.48 -36.20 57.79
CA LYS D 284 -25.50 -35.86 59.22
C LYS D 284 -25.63 -37.08 60.12
N THR D 285 -25.99 -38.25 59.57
CA THR D 285 -26.19 -39.42 60.40
C THR D 285 -24.93 -40.27 60.52
N LEU D 286 -24.24 -40.51 59.40
CA LEU D 286 -23.12 -41.44 59.40
C LEU D 286 -21.95 -40.92 60.22
N LYS D 287 -21.53 -39.68 59.96
CA LYS D 287 -20.43 -39.03 60.68
C LYS D 287 -19.14 -39.85 60.61
N THR D 288 -18.94 -40.60 59.54
CA THR D 288 -17.71 -41.32 59.29
C THR D 288 -17.29 -41.11 57.84
N SER D 289 -15.98 -41.09 57.61
CA SER D 289 -15.45 -40.58 56.34
C SER D 289 -15.67 -41.55 55.19
N GLU D 290 -15.11 -42.77 55.31
CA GLU D 290 -15.24 -43.74 54.22
C GLU D 290 -16.69 -44.09 53.95
N GLN D 291 -17.49 -44.22 55.01
CA GLN D 291 -18.91 -44.48 54.83
C GLN D 291 -19.61 -43.30 54.17
N ARG D 292 -19.18 -42.08 54.48
CA ARG D 292 -19.73 -40.91 53.79
C ARG D 292 -19.42 -40.95 52.30
N TYR D 293 -18.19 -41.31 51.95
CA TYR D 293 -17.83 -41.42 50.54
C TYR D 293 -18.65 -42.52 49.85
N GLU D 294 -18.82 -43.66 50.51
CA GLU D 294 -19.59 -44.74 49.92
C GLU D 294 -21.05 -44.34 49.75
N ALA D 295 -21.60 -43.62 50.72
CA ALA D 295 -22.97 -43.13 50.62
C ALA D 295 -23.10 -42.14 49.46
N LEU D 296 -22.11 -41.27 49.28
CA LEU D 296 -22.14 -40.35 48.15
C LEU D 296 -22.11 -41.11 46.83
N LYS D 297 -21.25 -42.13 46.74
CA LYS D 297 -21.20 -42.93 45.53
C LYS D 297 -22.53 -43.61 45.26
N GLU D 298 -23.15 -44.16 46.29
CA GLU D 298 -24.45 -44.81 46.10
C GLU D 298 -25.53 -43.82 45.68
N LEU D 299 -25.52 -42.62 46.28
CA LEU D 299 -26.51 -41.61 46.00
C LEU D 299 -26.30 -40.91 44.66
N VAL D 300 -25.13 -41.07 44.04
CA VAL D 300 -24.91 -40.52 42.70
C VAL D 300 -24.77 -41.59 41.64
N SER D 301 -24.81 -42.87 42.01
CA SER D 301 -24.59 -43.93 41.03
C SER D 301 -25.70 -43.99 39.98
N SER D 302 -26.97 -44.03 40.42
CA SER D 302 -28.06 -44.35 39.51
C SER D 302 -29.23 -43.38 39.66
N GLU D 303 -28.95 -42.08 39.73
CA GLU D 303 -30.01 -41.09 39.81
C GLU D 303 -30.32 -40.42 38.48
N ASP D 304 -29.58 -40.74 37.42
CA ASP D 304 -29.87 -40.29 36.07
C ASP D 304 -28.94 -41.00 35.11
N LYS D 305 -29.19 -40.82 33.82
CA LYS D 305 -28.34 -41.33 32.77
C LYS D 305 -27.53 -40.25 32.06
N LYS D 306 -28.06 -39.03 31.97
CA LYS D 306 -27.40 -37.95 31.24
C LYS D 306 -27.14 -36.73 32.11
N LYS D 307 -28.05 -36.38 33.02
CA LYS D 307 -27.85 -35.18 33.84
C LYS D 307 -26.59 -35.33 34.69
N THR D 308 -26.37 -36.49 35.29
CA THR D 308 -25.13 -36.82 35.96
C THR D 308 -24.26 -37.61 35.00
N HIS D 309 -23.01 -37.16 34.83
CA HIS D 309 -22.12 -37.77 33.86
C HIS D 309 -20.68 -37.59 34.35
N TYR D 310 -19.97 -38.71 34.47
CA TYR D 310 -18.60 -38.73 34.96
C TYR D 310 -18.47 -38.13 36.37
N LEU D 311 -19.59 -38.01 37.08
CA LEU D 311 -19.61 -37.16 38.29
C LEU D 311 -18.54 -37.54 39.29
N LEU D 312 -18.15 -38.82 39.34
CA LEU D 312 -17.00 -39.20 40.16
C LEU D 312 -15.69 -38.74 39.52
N GLU D 313 -15.62 -38.75 38.20
CA GLU D 313 -14.35 -38.53 37.50
C GLU D 313 -13.83 -37.11 37.70
N GLU D 314 -14.67 -36.10 37.44
CA GLU D 314 -14.21 -34.73 37.65
C GLU D 314 -13.93 -34.45 39.11
N LEU D 315 -14.70 -35.05 40.02
CA LEU D 315 -14.43 -34.87 41.45
C LEU D 315 -13.04 -35.40 41.80
N ARG D 316 -12.72 -36.61 41.34
CA ARG D 316 -11.41 -37.19 41.63
C ARG D 316 -10.29 -36.39 41.00
N ILE D 317 -10.47 -35.94 39.76
CA ILE D 317 -9.44 -35.14 39.10
C ILE D 317 -9.21 -33.83 39.86
N TRP D 318 -10.30 -33.12 40.18
CA TRP D 318 -10.19 -31.86 40.88
C TRP D 318 -9.58 -32.03 42.26
N LEU D 319 -9.80 -33.16 42.91
CA LEU D 319 -9.30 -33.37 44.26
C LEU D 319 -7.93 -34.03 44.30
N LEU D 320 -7.41 -34.50 43.17
CA LEU D 320 -6.12 -35.18 43.22
C LEU D 320 -5.10 -34.65 42.24
N TYR D 321 -5.51 -34.27 41.03
CA TYR D 321 -4.56 -33.89 39.98
C TYR D 321 -3.81 -32.61 40.37
N PRO D 322 -2.52 -32.53 40.08
CA PRO D 322 -1.75 -31.33 40.39
C PRO D 322 -1.85 -30.25 39.33
N ARG D 323 -1.81 -29.00 39.77
CA ARG D 323 -1.91 -27.86 38.89
C ARG D 323 -0.52 -27.52 38.34
N LEU D 324 -0.36 -27.62 37.02
CA LEU D 324 0.90 -27.25 36.39
C LEU D 324 1.09 -25.74 36.42
N ASP D 325 2.27 -25.31 36.86
CA ASP D 325 2.60 -23.90 36.78
C ASP D 325 2.83 -23.49 35.33
N VAL D 326 2.50 -22.24 35.01
CA VAL D 326 2.63 -21.76 33.65
C VAL D 326 3.39 -20.43 33.67
N ASN D 327 4.00 -20.11 34.81
CA ASN D 327 4.75 -18.88 34.94
C ASN D 327 6.20 -19.05 34.50
N VAL D 328 6.95 -19.91 35.19
CA VAL D 328 8.36 -20.08 34.90
C VAL D 328 8.58 -20.80 33.58
N SER D 329 7.79 -21.84 33.32
CA SER D 329 7.94 -22.66 32.12
C SER D 329 7.31 -22.01 30.89
N LYS D 330 7.00 -20.72 30.94
CA LYS D 330 6.30 -20.06 29.84
C LYS D 330 7.26 -19.64 28.72
N SER D 331 8.19 -18.74 29.03
CA SER D 331 9.03 -18.17 27.99
C SER D 331 10.05 -19.18 27.48
N THR D 332 10.53 -18.95 26.27
CA THR D 332 11.60 -19.76 25.69
C THR D 332 12.95 -19.46 26.31
N ASN D 333 13.06 -18.40 27.12
CA ASN D 333 14.25 -18.12 27.90
C ASN D 333 13.84 -17.83 29.34
N HIS D 334 14.57 -18.41 30.29
CA HIS D 334 14.21 -18.25 31.70
C HIS D 334 15.40 -18.67 32.56
N LEU D 335 15.24 -18.47 33.86
CA LEU D 335 16.24 -18.83 34.85
C LEU D 335 15.62 -19.82 35.84
N LEU D 336 16.43 -20.79 36.27
CA LEU D 336 15.95 -21.87 37.13
C LEU D 336 16.98 -22.15 38.21
N LYS D 337 16.51 -22.72 39.31
CA LYS D 337 17.41 -23.17 40.36
C LYS D 337 18.10 -24.45 39.93
N SER D 338 19.43 -24.42 39.91
CA SER D 338 20.21 -25.54 39.42
C SER D 338 20.20 -26.68 40.43
N PRO D 339 20.54 -27.90 40.00
CA PRO D 339 20.74 -28.98 40.96
C PRO D 339 21.92 -28.70 41.88
N PHE D 340 21.87 -29.29 43.07
CA PHE D 340 22.91 -29.22 44.10
C PHE D 340 23.06 -27.84 44.72
N CYS D 341 22.16 -26.91 44.44
CA CYS D 341 22.21 -25.62 45.12
C CYS D 341 21.87 -25.79 46.60
N ILE D 342 22.56 -25.02 47.44
CA ILE D 342 22.42 -25.13 48.89
C ILE D 342 22.05 -23.76 49.44
N HIS D 343 21.04 -23.73 50.31
CA HIS D 343 20.62 -22.50 50.98
C HIS D 343 20.36 -22.80 52.45
N PRO D 344 21.18 -22.20 53.32
CA PRO D 344 21.18 -22.50 54.75
C PRO D 344 19.77 -22.43 55.30
N LYS D 345 18.92 -21.52 54.83
CA LYS D 345 17.57 -21.57 55.33
C LYS D 345 17.05 -22.89 54.76
N THR D 346 16.60 -23.75 55.68
CA THR D 346 16.03 -25.10 55.47
C THR D 346 17.05 -26.24 55.27
N GLY D 347 18.34 -25.91 55.10
CA GLY D 347 19.38 -26.91 54.97
C GLY D 347 19.12 -28.05 54.00
N ASN D 348 18.76 -27.76 52.75
CA ASN D 348 18.41 -28.85 51.84
C ASN D 348 19.45 -28.93 50.73
N VAL D 349 19.56 -30.11 50.14
CA VAL D 349 20.44 -30.37 49.00
C VAL D 349 19.58 -30.88 47.85
N CYS D 350 19.60 -30.16 46.73
CA CYS D 350 18.76 -30.49 45.58
C CYS D 350 19.37 -31.69 44.86
N VAL D 351 19.14 -32.87 45.44
CA VAL D 351 19.70 -34.10 44.90
C VAL D 351 19.02 -34.47 43.59
N PRO D 352 19.71 -35.12 42.66
CA PRO D 352 19.09 -35.51 41.40
C PRO D 352 17.97 -36.53 41.56
N PHE D 353 17.38 -36.93 40.44
CA PHE D 353 16.24 -37.83 40.44
C PHE D 353 16.15 -38.47 39.07
N THR D 354 15.37 -39.55 38.99
CA THR D 354 15.13 -40.21 37.71
C THR D 354 13.77 -40.91 37.79
N THR D 355 13.22 -41.23 36.61
CA THR D 355 11.88 -41.81 36.54
C THR D 355 11.74 -43.05 37.39
N GLU D 356 12.75 -43.94 37.36
CA GLU D 356 12.69 -45.16 38.13
C GLU D 356 12.88 -44.93 39.63
N GLU D 357 13.23 -43.73 40.05
CA GLU D 357 13.43 -43.41 41.46
C GLU D 357 12.15 -43.00 42.16
N ILE D 358 11.03 -42.92 41.44
CA ILE D 358 9.77 -42.47 42.03
C ILE D 358 9.34 -43.40 43.16
N SER D 359 9.42 -44.70 42.93
CA SER D 359 8.90 -45.68 43.87
C SER D 359 9.73 -45.79 45.15
N THR D 360 10.90 -45.17 45.21
CA THR D 360 11.81 -45.33 46.34
C THR D 360 12.22 -44.04 47.02
N PHE D 361 12.00 -42.88 46.42
CA PHE D 361 12.54 -41.64 46.96
C PHE D 361 11.83 -41.24 48.24
N ASP D 362 12.56 -40.54 49.11
CA ASP D 362 12.02 -39.92 50.30
C ASP D 362 12.65 -38.54 50.47
N PRO D 363 11.92 -37.60 51.07
CA PRO D 363 12.47 -36.25 51.29
C PRO D 363 13.16 -36.06 52.64
N PHE D 364 13.40 -37.12 53.41
CA PHE D 364 14.02 -37.00 54.72
C PHE D 364 15.41 -37.59 54.78
N SER D 365 15.84 -38.33 53.77
CA SER D 365 17.17 -38.93 53.73
C SER D 365 18.18 -38.07 52.97
N VAL D 366 17.79 -36.89 52.51
CA VAL D 366 18.67 -36.03 51.72
C VAL D 366 19.83 -35.54 52.59
N PRO D 367 21.01 -35.33 52.01
CA PRO D 367 22.13 -34.79 52.81
C PRO D 367 21.89 -33.33 53.17
N ASN D 368 22.77 -32.81 54.03
CA ASN D 368 22.65 -31.44 54.49
C ASN D 368 24.02 -30.95 54.95
N ILE D 369 24.13 -29.63 55.08
CA ILE D 369 25.37 -29.02 55.55
C ILE D 369 25.66 -29.44 56.99
N SER D 370 24.61 -29.74 57.77
CA SER D 370 24.78 -30.00 59.19
C SER D 370 25.69 -31.20 59.44
N THR D 371 25.57 -32.26 58.63
CA THR D 371 26.40 -33.44 58.82
C THR D 371 27.83 -33.14 58.43
N LEU D 372 28.78 -33.56 59.28
CA LEU D 372 30.19 -33.32 59.07
C LEU D 372 30.97 -34.48 59.65
N THR D 373 31.95 -34.98 58.88
CA THR D 373 32.79 -36.11 59.28
C THR D 373 31.94 -37.32 59.67
N THR D 374 30.84 -37.53 58.94
CA THR D 374 29.91 -38.62 59.20
C THR D 374 29.85 -39.52 57.99
N GLU D 375 29.99 -40.82 58.21
CA GLU D 375 30.00 -41.78 57.10
C GLU D 375 28.63 -41.86 56.44
N GLU D 376 27.56 -41.68 57.21
CA GLU D 376 26.22 -41.79 56.66
C GLU D 376 26.00 -40.76 55.55
N GLY D 377 26.30 -39.49 55.82
CA GLY D 377 26.14 -38.46 54.81
C GLY D 377 27.05 -38.68 53.62
N SER D 378 28.26 -39.20 53.88
CA SER D 378 29.17 -39.54 52.79
C SER D 378 28.53 -40.53 51.84
N SER D 379 28.00 -41.63 52.39
CA SER D 379 27.28 -42.60 51.57
C SER D 379 26.09 -41.95 50.88
N LYS D 380 25.44 -41.00 51.55
CA LYS D 380 24.27 -40.35 50.97
C LYS D 380 24.62 -39.58 49.70
N MET D 381 25.61 -38.70 49.77
CA MET D 381 25.87 -37.95 48.52
C MET D 381 26.62 -38.80 47.52
N LYS D 382 27.31 -39.87 47.95
CA LYS D 382 27.84 -40.81 46.98
C LYS D 382 26.72 -41.47 46.19
N ASN D 383 25.63 -41.84 46.89
CA ASN D 383 24.45 -42.34 46.20
C ASN D 383 23.85 -41.29 45.29
N SER D 384 23.84 -40.04 45.73
CA SER D 384 23.34 -38.96 44.88
C SER D 384 24.11 -38.88 43.57
N LEU D 385 25.45 -38.89 43.67
CA LEU D 385 26.29 -38.85 42.47
C LEU D 385 26.09 -40.10 41.59
N LYS D 386 25.96 -41.28 42.19
CA LYS D 386 25.78 -42.47 41.35
C LYS D 386 24.43 -42.43 40.63
N ILE D 387 23.38 -41.97 41.31
CA ILE D 387 22.08 -41.84 40.66
C ILE D 387 22.15 -40.84 39.51
N PHE D 388 22.83 -39.71 39.75
CA PHE D 388 22.99 -38.73 38.67
C PHE D 388 23.75 -39.34 37.50
N ASN D 389 24.85 -40.04 37.77
CA ASN D 389 25.65 -40.62 36.71
C ASN D 389 24.87 -41.66 35.93
N LYS D 390 23.96 -42.37 36.60
CA LYS D 390 23.09 -43.30 35.89
C LYS D 390 22.51 -42.64 34.65
N PHE D 391 21.76 -41.55 34.84
CA PHE D 391 21.19 -40.84 33.70
C PHE D 391 22.27 -40.19 32.84
N LEU D 392 23.37 -39.73 33.44
CA LEU D 392 24.37 -39.02 32.63
C LEU D 392 24.95 -39.92 31.54
N GLU D 393 25.46 -41.09 31.92
CA GLU D 393 25.92 -42.02 30.87
C GLU D 393 24.77 -42.68 30.12
N ASN D 394 23.56 -42.75 30.70
CA ASN D 394 22.43 -43.20 29.90
C ASN D 394 22.22 -42.28 28.70
N LEU D 395 22.29 -40.98 28.93
CA LEU D 395 22.17 -40.02 27.83
C LEU D 395 23.41 -40.06 26.94
N LYS D 396 24.59 -40.18 27.52
CA LYS D 396 25.81 -40.18 26.73
C LYS D 396 25.89 -41.38 25.81
N LYS D 397 25.21 -42.48 26.17
CA LYS D 397 25.17 -43.65 25.30
C LYS D 397 23.98 -43.63 24.35
N ASP D 398 22.81 -43.22 24.83
CA ASP D 398 21.63 -43.21 23.98
C ASP D 398 21.66 -42.07 22.97
N VAL D 399 22.18 -40.90 23.40
CA VAL D 399 22.24 -39.67 22.61
C VAL D 399 21.02 -39.47 21.71
ZN ZN E . -38.67 31.20 -23.85
#